data_4EWF
#
_entry.id   4EWF
#
_cell.length_a   137.500
_cell.length_b   215.551
_cell.length_c   83.816
_cell.angle_alpha   90.00
_cell.angle_beta   90.00
_cell.angle_gamma   90.00
#
_symmetry.space_group_name_H-M   'C 2 2 21'
#
loop_
_entity.id
_entity.type
_entity.pdbx_description
1 polymer Beta-lactamase
2 non-polymer 'SULFATE ION'
3 non-polymer 'ACETIC ACID'
4 water water
#
_entity_poly.entity_id   1
_entity_poly.type   'polypeptide(L)'
_entity_poly.pdbx_seq_one_letter_code
;SNA(MSE)DG(MSE)TIDWSGVAAAVAAAEATGGTVGATIVAPGGETFRHNGDRRFRAASTVKIPL(MSE)IAVYRAVDA
GERALTDRIVLRAADKAPGSGVLLHLHDGLELTLEDLVYLTISISDNTATNLLIDLVGLDAVNDVIASLG(MSE)RDSNL
SRK(MSE)KGRPALPDEPENWATPDDYALAVQALLEGRAASQESCTA(MSE)LA(MSE)LEKQQNPRRIGRYVPEGEGIR
WGSKTGSLTGVVNDVGFITTPAGTLVVAVFTENLPDLHAGEQAIGDITRAALQATGLIPPGAA
;
_entity_poly.pdbx_strand_id   A,B,C,D
#
loop_
_chem_comp.id
_chem_comp.type
_chem_comp.name
_chem_comp.formula
ACY non-polymer 'ACETIC ACID' 'C2 H4 O2'
SO4 non-polymer 'SULFATE ION' 'O4 S -2'
#
# COMPACT_ATOMS: atom_id res chain seq x y z
N THR A 8 -10.30 15.66 -56.42
CA THR A 8 -11.47 14.89 -55.96
C THR A 8 -11.10 13.75 -55.00
N ILE A 9 -11.89 13.56 -53.94
CA ILE A 9 -11.46 12.69 -52.83
C ILE A 9 -11.88 11.23 -53.01
N ASP A 10 -10.90 10.34 -52.85
CA ASP A 10 -11.16 8.90 -52.83
C ASP A 10 -11.29 8.45 -51.37
N TRP A 11 -12.52 8.10 -50.94
CA TRP A 11 -12.75 7.66 -49.58
C TRP A 11 -12.63 6.15 -49.37
N SER A 12 -12.28 5.41 -50.41
CA SER A 12 -12.24 3.95 -50.31
C SER A 12 -11.34 3.42 -49.19
N GLY A 13 -10.24 4.14 -48.91
CA GLY A 13 -9.34 3.73 -47.83
C GLY A 13 -9.97 3.92 -46.47
N VAL A 14 -10.68 5.03 -46.30
CA VAL A 14 -11.43 5.27 -45.07
C VAL A 14 -12.53 4.19 -44.90
N ALA A 15 -13.26 3.91 -45.97
CA ALA A 15 -14.29 2.86 -45.92
C ALA A 15 -13.66 1.49 -45.57
N ALA A 16 -12.52 1.16 -46.16
CA ALA A 16 -11.82 -0.09 -45.83
C ALA A 16 -11.41 -0.17 -44.36
N ALA A 17 -10.92 0.95 -43.81
CA ALA A 17 -10.53 0.99 -42.41
C ALA A 17 -11.75 0.73 -41.51
N VAL A 18 -12.87 1.32 -41.89
CA VAL A 18 -14.11 1.13 -41.15
C VAL A 18 -14.54 -0.33 -41.22
N ALA A 19 -14.52 -0.90 -42.42
CA ALA A 19 -14.95 -2.28 -42.60
C ALA A 19 -14.10 -3.24 -41.78
N ALA A 20 -12.79 -3.00 -41.73
CA ALA A 20 -11.91 -3.84 -40.95
C ALA A 20 -12.21 -3.70 -39.46
N ALA A 21 -12.56 -2.50 -39.01
CA ALA A 21 -12.84 -2.29 -37.61
C ALA A 21 -14.11 -3.05 -37.20
N GLU A 22 -15.05 -3.15 -38.12
CA GLU A 22 -16.34 -3.78 -37.83
C GLU A 22 -16.38 -5.29 -38.11
N ALA A 23 -15.27 -5.81 -38.64
CA ALA A 23 -15.23 -7.19 -39.09
C ALA A 23 -15.53 -8.21 -37.97
N THR A 24 -15.19 -7.90 -36.73
CA THR A 24 -15.45 -8.85 -35.65
C THR A 24 -16.83 -8.66 -34.99
N GLY A 25 -17.67 -7.82 -35.58
CA GLY A 25 -19.05 -7.72 -35.13
C GLY A 25 -19.39 -6.44 -34.38
N GLY A 26 -18.39 -5.61 -34.11
CA GLY A 26 -18.64 -4.33 -33.47
C GLY A 26 -19.17 -3.30 -34.46
N THR A 27 -19.35 -2.08 -33.98
CA THR A 27 -19.92 -1.01 -34.80
C THR A 27 -19.07 0.24 -34.75
N VAL A 28 -18.92 0.90 -35.90
CA VAL A 28 -18.23 2.19 -35.97
C VAL A 28 -19.20 3.27 -36.45
N GLY A 29 -19.11 4.47 -35.87
CA GLY A 29 -19.80 5.63 -36.39
C GLY A 29 -18.72 6.67 -36.65
N ALA A 30 -18.74 7.29 -37.82
CA ALA A 30 -17.70 8.25 -38.18
C ALA A 30 -18.26 9.34 -39.06
N THR A 31 -17.94 10.57 -38.70
CA THR A 31 -18.23 11.72 -39.53
C THR A 31 -16.93 12.51 -39.62
N ILE A 32 -16.42 12.70 -40.84
CA ILE A 32 -15.12 13.28 -41.03
C ILE A 32 -15.27 14.37 -42.05
N VAL A 33 -14.88 15.58 -41.70
CA VAL A 33 -15.07 16.70 -42.61
C VAL A 33 -13.74 17.17 -43.17
N ALA A 34 -13.61 17.11 -44.50
CA ALA A 34 -12.40 17.55 -45.17
C ALA A 34 -12.30 19.06 -45.14
N PRO A 35 -11.08 19.58 -45.31
CA PRO A 35 -10.84 21.03 -45.43
C PRO A 35 -11.86 21.70 -46.33
N GLY A 36 -12.11 21.14 -47.50
CA GLY A 36 -13.11 21.73 -48.37
C GLY A 36 -14.53 21.83 -47.82
N GLY A 37 -14.87 20.97 -46.86
CA GLY A 37 -16.23 20.86 -46.37
C GLY A 37 -16.86 19.53 -46.78
N GLU A 38 -16.22 18.84 -47.73
CA GLU A 38 -16.70 17.52 -48.13
C GLU A 38 -16.67 16.53 -46.96
N THR A 39 -17.74 15.76 -46.81
CA THR A 39 -17.92 15.01 -45.58
C THR A 39 -18.11 13.51 -45.80
N PHE A 40 -17.27 12.72 -45.14
CA PHE A 40 -17.48 11.28 -45.11
C PHE A 40 -18.36 10.93 -43.90
N ARG A 41 -19.37 10.10 -44.13
CA ARG A 41 -20.29 9.66 -43.07
C ARG A 41 -20.47 8.15 -43.15
N HIS A 42 -20.32 7.50 -42.00
CA HIS A 42 -20.68 6.10 -41.84
C HIS A 42 -21.41 6.00 -40.51
N ASN A 43 -22.68 5.61 -40.55
CA ASN A 43 -23.51 5.58 -39.33
C ASN A 43 -23.46 6.94 -38.65
N GLY A 44 -23.48 7.98 -39.46
CA GLY A 44 -23.26 9.34 -38.97
C GLY A 44 -24.33 9.79 -38.00
N ASP A 45 -25.54 9.25 -38.17
CA ASP A 45 -26.68 9.65 -37.32
C ASP A 45 -27.09 8.56 -36.33
N ARG A 46 -26.23 7.55 -36.19
CA ARG A 46 -26.51 6.43 -35.27
C ARG A 46 -26.15 6.85 -33.85
N ARG A 47 -26.94 6.40 -32.86
CA ARG A 47 -26.72 6.77 -31.47
C ARG A 47 -25.71 5.86 -30.77
N PHE A 48 -24.66 6.46 -30.19
CA PHE A 48 -23.63 5.74 -29.43
C PHE A 48 -23.58 6.34 -28.01
N ARG A 49 -23.06 5.58 -27.04
CA ARG A 49 -22.76 6.17 -25.73
C ARG A 49 -21.66 7.21 -25.93
N ALA A 50 -21.88 8.40 -25.41
CA ALA A 50 -20.90 9.46 -25.60
C ALA A 50 -19.66 9.19 -24.77
N ALA A 51 -19.84 8.50 -23.63
CA ALA A 51 -18.75 8.41 -22.67
C ALA A 51 -18.22 9.82 -22.41
N SER A 52 -16.91 9.95 -22.27
CA SER A 52 -16.33 11.25 -21.93
C SER A 52 -16.34 12.33 -23.02
N THR A 53 -16.81 12.02 -24.24
CA THR A 53 -16.76 13.04 -25.29
C THR A 53 -17.71 14.17 -24.94
N VAL A 54 -18.70 13.89 -24.09
CA VAL A 54 -19.68 14.90 -23.70
C VAL A 54 -19.05 16.03 -22.85
N LYS A 55 -17.79 15.84 -22.48
CA LYS A 55 -17.10 16.91 -21.77
C LYS A 55 -16.81 18.10 -22.68
N ILE A 56 -16.98 17.93 -24.00
CA ILE A 56 -16.80 19.03 -24.93
C ILE A 56 -17.89 20.08 -24.77
N PRO A 57 -19.16 19.69 -24.97
CA PRO A 57 -20.20 20.71 -24.76
C PRO A 57 -20.23 21.23 -23.32
N LEU A 58 -19.81 20.42 -22.34
CA LEU A 58 -19.73 20.91 -20.96
C LEU A 58 -18.73 22.08 -20.88
N MSE A 59 -17.55 21.89 -21.47
CA MSE A 59 -16.55 22.95 -21.52
C MSE A 59 -17.14 24.21 -22.19
O MSE A 59 -16.91 25.33 -21.73
CB MSE A 59 -15.32 22.49 -22.29
CG MSE A 59 -14.26 23.58 -22.49
SE MSE A 59 -12.70 22.88 -23.44
CE MSE A 59 -13.51 22.30 -25.06
N ILE A 60 -17.87 24.01 -23.27
CA ILE A 60 -18.45 25.16 -23.96
C ILE A 60 -19.40 25.91 -23.02
N ALA A 61 -20.19 25.17 -22.25
CA ALA A 61 -21.11 25.81 -21.31
C ALA A 61 -20.34 26.66 -20.31
N VAL A 62 -19.22 26.12 -19.85
CA VAL A 62 -18.36 26.85 -18.92
C VAL A 62 -17.85 28.17 -19.51
N TYR A 63 -17.25 28.11 -20.71
CA TYR A 63 -16.73 29.34 -21.31
C TYR A 63 -17.81 30.35 -21.65
N ARG A 64 -19.01 29.89 -21.99
CA ARG A 64 -20.12 30.81 -22.23
C ARG A 64 -20.49 31.54 -20.95
N ALA A 65 -20.40 30.84 -19.82
CA ALA A 65 -20.63 31.46 -18.52
C ALA A 65 -19.59 32.53 -18.26
N VAL A 66 -18.34 32.23 -18.61
CA VAL A 66 -17.24 33.19 -18.48
C VAL A 66 -17.49 34.39 -19.40
N ASP A 67 -17.93 34.13 -20.63
CA ASP A 67 -18.25 35.22 -21.56
C ASP A 67 -19.35 36.13 -21.00
N ALA A 68 -20.37 35.53 -20.37
CA ALA A 68 -21.50 36.29 -19.84
C ALA A 68 -21.11 36.97 -18.53
N GLY A 69 -19.90 36.69 -18.06
CA GLY A 69 -19.40 37.29 -16.83
C GLY A 69 -20.03 36.66 -15.60
N GLU A 70 -20.61 35.48 -15.75
CA GLU A 70 -21.25 34.80 -14.62
C GLU A 70 -20.20 34.17 -13.69
N ARG A 71 -19.06 33.78 -14.25
CA ARG A 71 -17.93 33.33 -13.43
C ARG A 71 -16.61 33.63 -14.14
N ALA A 72 -15.50 33.37 -13.46
CA ALA A 72 -14.17 33.66 -13.99
C ALA A 72 -13.24 32.46 -13.84
N LEU A 73 -12.28 32.33 -14.76
CA LEU A 73 -11.38 31.19 -14.77
C LEU A 73 -10.54 31.06 -13.51
N THR A 74 -10.31 32.19 -12.85
CA THR A 74 -9.55 32.17 -11.60
C THR A 74 -10.41 31.83 -10.38
N ASP A 75 -11.72 31.63 -10.58
CA ASP A 75 -12.60 31.36 -9.44
C ASP A 75 -12.12 30.11 -8.68
N ARG A 76 -12.21 30.14 -7.37
CA ARG A 76 -11.73 29.02 -6.55
C ARG A 76 -12.84 27.98 -6.31
N ILE A 77 -12.48 26.71 -6.41
CA ILE A 77 -13.34 25.59 -6.03
C ILE A 77 -12.53 24.67 -5.13
N VAL A 78 -13.11 24.28 -4.00
CA VAL A 78 -12.41 23.41 -3.06
C VAL A 78 -12.83 21.94 -3.26
N LEU A 79 -11.84 21.06 -3.32
CA LEU A 79 -12.08 19.62 -3.44
C LEU A 79 -12.62 19.04 -2.12
N ARG A 80 -13.79 18.42 -2.19
CA ARG A 80 -14.41 17.82 -1.02
C ARG A 80 -14.61 16.32 -1.23
N ALA A 81 -14.54 15.56 -0.15
CA ALA A 81 -14.74 14.11 -0.18
C ALA A 81 -16.02 13.72 -0.90
N ALA A 82 -17.13 14.39 -0.59
CA ALA A 82 -18.39 14.13 -1.30
C ALA A 82 -18.36 14.27 -2.84
N ASP A 83 -17.46 15.09 -3.38
CA ASP A 83 -17.38 15.32 -4.83
C ASP A 83 -16.61 14.24 -5.58
N LYS A 84 -15.83 13.44 -4.88
CA LYS A 84 -14.89 12.54 -5.54
C LYS A 84 -15.63 11.44 -6.30
N ALA A 85 -15.35 11.33 -7.60
CA ALA A 85 -16.03 10.38 -8.47
C ALA A 85 -15.12 9.20 -8.80
N PRO A 86 -15.70 8.01 -9.04
CA PRO A 86 -14.85 6.91 -9.49
C PRO A 86 -14.45 7.07 -10.94
N GLY A 87 -13.48 6.28 -11.40
CA GLY A 87 -13.07 6.31 -12.78
C GLY A 87 -11.87 7.18 -13.06
N SER A 88 -11.73 7.58 -14.32
CA SER A 88 -10.58 8.35 -14.76
C SER A 88 -10.45 9.67 -14.01
N GLY A 89 -9.21 10.13 -13.84
CA GLY A 89 -8.96 11.35 -13.11
C GLY A 89 -7.89 11.18 -12.05
N VAL A 90 -7.56 12.29 -11.41
CA VAL A 90 -6.53 12.30 -10.39
CA VAL A 90 -6.53 12.30 -10.37
C VAL A 90 -7.09 12.86 -9.05
N LEU A 91 -8.09 13.72 -9.16
CA LEU A 91 -8.64 14.37 -7.96
C LEU A 91 -9.18 13.38 -6.94
N LEU A 92 -9.72 12.26 -7.43
CA LEU A 92 -10.25 11.29 -6.49
C LEU A 92 -9.25 10.79 -5.48
N HIS A 93 -7.96 10.94 -5.75
CA HIS A 93 -6.94 10.45 -4.82
C HIS A 93 -6.14 11.57 -4.16
N LEU A 94 -6.49 12.83 -4.45
CA LEU A 94 -5.76 13.95 -3.85
C LEU A 94 -6.46 14.39 -2.59
N HIS A 95 -5.78 15.15 -1.74
CA HIS A 95 -6.29 15.40 -0.39
C HIS A 95 -7.56 16.28 -0.32
N ASP A 96 -8.50 15.88 0.54
CA ASP A 96 -9.69 16.68 0.81
C ASP A 96 -9.27 18.09 1.23
N GLY A 97 -9.82 19.11 0.58
CA GLY A 97 -9.47 20.48 0.95
C GLY A 97 -8.57 21.14 -0.09
N LEU A 98 -8.11 20.37 -1.07
CA LEU A 98 -7.29 20.91 -2.14
C LEU A 98 -8.05 22.05 -2.82
N GLU A 99 -7.42 23.21 -2.93
CA GLU A 99 -8.06 24.35 -3.54
C GLU A 99 -7.62 24.52 -5.00
N LEU A 100 -8.59 24.42 -5.91
CA LEU A 100 -8.34 24.52 -7.34
C LEU A 100 -8.98 25.79 -7.91
N THR A 101 -8.75 26.06 -9.18
CA THR A 101 -9.42 27.16 -9.86
C THR A 101 -10.35 26.55 -10.91
N LEU A 102 -11.28 27.36 -11.39
CA LEU A 102 -12.15 26.93 -12.47
C LEU A 102 -11.32 26.47 -13.66
N GLU A 103 -10.24 27.18 -13.98
CA GLU A 103 -9.40 26.76 -15.11
C GLU A 103 -8.74 25.40 -14.87
N ASP A 104 -8.24 25.16 -13.64
CA ASP A 104 -7.72 23.84 -13.30
C ASP A 104 -8.75 22.76 -13.62
N LEU A 105 -10.01 22.99 -13.22
CA LEU A 105 -11.05 21.99 -13.43
C LEU A 105 -11.29 21.68 -14.90
N VAL A 106 -11.32 22.72 -15.73
CA VAL A 106 -11.49 22.54 -17.18
C VAL A 106 -10.32 21.73 -17.71
N TYR A 107 -9.12 22.10 -17.29
CA TYR A 107 -7.91 21.40 -17.76
C TYR A 107 -7.90 19.91 -17.41
N LEU A 108 -8.18 19.58 -16.15
CA LEU A 108 -8.25 18.18 -15.72
C LEU A 108 -9.37 17.42 -16.43
N THR A 109 -10.50 18.08 -16.61
CA THR A 109 -11.63 17.50 -17.33
C THR A 109 -11.24 17.05 -18.76
N ILE A 110 -10.54 17.93 -19.49
CA ILE A 110 -10.21 17.71 -20.89
C ILE A 110 -8.95 16.85 -21.09
N SER A 111 -7.87 17.17 -20.39
CA SER A 111 -6.58 16.54 -20.63
C SER A 111 -6.55 15.06 -20.27
N ILE A 112 -7.13 14.72 -19.12
CA ILE A 112 -7.09 13.35 -18.64
C ILE A 112 -8.47 12.80 -18.28
N SER A 113 -9.52 13.54 -18.62
CA SER A 113 -10.88 13.07 -18.39
C SER A 113 -11.22 12.88 -16.91
N ASP A 114 -10.82 13.85 -16.08
CA ASP A 114 -11.04 13.73 -14.65
C ASP A 114 -12.54 13.84 -14.31
N ASN A 115 -13.08 12.74 -13.83
CA ASN A 115 -14.51 12.60 -13.53
C ASN A 115 -14.96 13.49 -12.37
N THR A 116 -14.11 13.64 -11.35
CA THR A 116 -14.42 14.55 -10.24
C THR A 116 -14.52 16.01 -10.74
N ALA A 117 -13.51 16.43 -11.50
CA ALA A 117 -13.50 17.79 -12.06
C ALA A 117 -14.74 18.01 -12.92
N THR A 118 -15.09 17.00 -13.69
CA THR A 118 -16.26 17.05 -14.57
C THR A 118 -17.54 17.28 -13.77
N ASN A 119 -17.75 16.47 -12.74
CA ASN A 119 -18.94 16.60 -11.91
C ASN A 119 -19.02 17.91 -11.13
N LEU A 120 -17.85 18.46 -10.77
CA LEU A 120 -17.79 19.79 -10.16
C LEU A 120 -18.25 20.89 -11.13
N LEU A 121 -17.81 20.81 -12.40
CA LEU A 121 -18.24 21.74 -13.44
C LEU A 121 -19.74 21.60 -13.75
N ILE A 122 -20.23 20.36 -13.75
CA ILE A 122 -21.65 20.11 -13.93
C ILE A 122 -22.45 20.77 -12.81
N ASP A 123 -21.95 20.68 -11.58
CA ASP A 123 -22.62 21.35 -10.46
C ASP A 123 -22.61 22.87 -10.61
N LEU A 124 -21.54 23.42 -11.17
CA LEU A 124 -21.41 24.87 -11.23
C LEU A 124 -22.34 25.46 -12.29
N VAL A 125 -22.38 24.80 -13.44
CA VAL A 125 -23.09 25.35 -14.58
C VAL A 125 -24.50 24.73 -14.72
N GLY A 126 -24.66 23.50 -14.24
CA GLY A 126 -25.95 22.84 -14.29
C GLY A 126 -26.20 22.11 -15.61
N LEU A 127 -26.96 21.01 -15.56
CA LEU A 127 -27.21 20.21 -16.75
C LEU A 127 -27.91 21.00 -17.85
N ASP A 128 -28.84 21.86 -17.44
CA ASP A 128 -29.63 22.60 -18.43
C ASP A 128 -28.76 23.47 -19.30
N ALA A 129 -27.75 24.09 -18.70
CA ALA A 129 -26.84 24.96 -19.45
C ALA A 129 -26.06 24.16 -20.49
N VAL A 130 -25.70 22.92 -20.17
CA VAL A 130 -24.97 22.10 -21.14
C VAL A 130 -25.91 21.68 -22.29
N ASN A 131 -27.11 21.24 -21.94
CA ASN A 131 -28.09 20.89 -22.96
C ASN A 131 -28.54 22.09 -23.81
N ASP A 132 -28.57 23.29 -23.20
CA ASP A 132 -28.79 24.50 -23.98
C ASP A 132 -27.68 24.68 -25.01
N VAL A 133 -26.43 24.42 -24.63
CA VAL A 133 -25.33 24.51 -25.60
C VAL A 133 -25.56 23.54 -26.75
N ILE A 134 -25.85 22.30 -26.39
CA ILE A 134 -26.01 21.24 -27.35
C ILE A 134 -27.11 21.60 -28.36
N ALA A 135 -28.23 22.13 -27.86
CA ALA A 135 -29.34 22.49 -28.73
C ALA A 135 -28.98 23.67 -29.63
N SER A 136 -28.30 24.66 -29.05
CA SER A 136 -27.91 25.86 -29.79
C SER A 136 -26.90 25.52 -30.89
N LEU A 137 -26.24 24.39 -30.78
CA LEU A 137 -25.27 23.98 -31.80
C LEU A 137 -25.87 23.08 -32.87
N GLY A 138 -27.18 22.85 -32.79
CA GLY A 138 -27.87 22.00 -33.73
C GLY A 138 -27.60 20.53 -33.53
N MSE A 139 -27.14 20.15 -32.33
CA MSE A 139 -26.89 18.75 -32.02
C MSE A 139 -28.17 18.05 -31.54
O MSE A 139 -28.38 17.86 -30.33
CB MSE A 139 -25.79 18.64 -30.94
CG MSE A 139 -24.46 19.25 -31.38
SE MSE A 139 -23.20 19.54 -29.92
CE MSE A 139 -22.82 17.72 -29.39
N ARG A 140 -29.01 17.65 -32.48
CA ARG A 140 -30.37 17.18 -32.18
C ARG A 140 -30.48 15.84 -31.46
N ASP A 141 -29.43 15.02 -31.48
CA ASP A 141 -29.53 13.66 -30.93
C ASP A 141 -28.56 13.39 -29.78
N SER A 142 -28.02 14.45 -29.19
CA SER A 142 -27.05 14.32 -28.12
C SER A 142 -27.55 14.96 -26.83
N ASN A 143 -26.97 14.58 -25.69
CA ASN A 143 -27.44 15.13 -24.42
C ASN A 143 -26.43 14.88 -23.31
N LEU A 144 -26.55 15.66 -22.24
CA LEU A 144 -25.91 15.35 -20.97
C LEU A 144 -27.00 15.24 -19.93
N SER A 145 -27.20 14.04 -19.39
CA SER A 145 -28.28 13.81 -18.43
C SER A 145 -27.77 13.05 -17.21
N ARG A 146 -26.50 12.65 -17.25
N ARG A 146 -26.53 12.59 -17.28
CA ARG A 146 -25.92 11.77 -16.22
CA ARG A 146 -25.97 11.92 -16.12
C ARG A 146 -24.49 12.20 -15.86
C ARG A 146 -24.55 12.38 -15.85
N LYS A 147 -24.23 12.42 -14.57
CA LYS A 147 -22.88 12.75 -14.11
C LYS A 147 -21.94 11.58 -14.40
N MSE A 148 -20.65 11.83 -14.27
CA MSE A 148 -19.66 10.80 -14.58
C MSE A 148 -19.61 9.78 -13.44
O MSE A 148 -19.53 10.17 -12.28
CB MSE A 148 -18.28 11.42 -14.80
CG MSE A 148 -18.28 12.45 -15.88
SE MSE A 148 -18.82 11.77 -17.65
CE MSE A 148 -20.42 12.85 -17.86
N LYS A 149 -19.65 8.50 -13.79
CA LYS A 149 -19.56 7.42 -12.81
C LYS A 149 -18.51 6.37 -13.16
N GLY A 150 -17.90 6.50 -14.34
CA GLY A 150 -16.93 5.53 -14.81
C GLY A 150 -17.50 4.23 -15.38
N ARG A 151 -18.82 4.18 -15.58
CA ARG A 151 -19.46 2.98 -16.11
C ARG A 151 -20.64 3.36 -16.99
N PRO A 152 -21.03 2.45 -17.90
CA PRO A 152 -22.18 2.80 -18.73
C PRO A 152 -23.42 2.79 -17.84
N ALA A 153 -24.43 3.56 -18.20
CA ALA A 153 -25.70 3.48 -17.47
C ALA A 153 -26.35 2.12 -17.70
N LEU A 154 -27.11 1.63 -16.72
CA LEU A 154 -27.96 0.47 -16.96
C LEU A 154 -29.06 0.92 -17.90
N PRO A 155 -29.73 -0.03 -18.56
CA PRO A 155 -30.76 0.31 -19.56
C PRO A 155 -31.84 1.24 -19.01
N ASP A 156 -32.21 1.07 -17.75
CA ASP A 156 -33.26 1.89 -17.15
C ASP A 156 -32.75 3.17 -16.49
N GLU A 157 -31.45 3.44 -16.62
CA GLU A 157 -30.89 4.72 -16.15
C GLU A 157 -30.62 5.63 -17.36
N PRO A 158 -30.83 6.93 -17.20
CA PRO A 158 -30.56 7.93 -18.23
C PRO A 158 -29.11 7.87 -18.71
N GLU A 159 -28.90 7.79 -20.01
CA GLU A 159 -27.56 7.73 -20.56
C GLU A 159 -27.27 9.02 -21.32
N ASN A 160 -25.98 9.31 -21.49
CA ASN A 160 -25.52 10.42 -22.32
C ASN A 160 -25.25 9.88 -23.73
N TRP A 161 -26.08 10.28 -24.68
CA TRP A 161 -26.02 9.78 -26.06
C TRP A 161 -25.29 10.77 -26.96
N ALA A 162 -24.64 10.25 -28.00
CA ALA A 162 -23.99 11.08 -28.99
C ALA A 162 -24.24 10.51 -30.38
N THR A 163 -24.09 11.36 -31.41
CA THR A 163 -23.93 10.83 -32.76
C THR A 163 -22.66 11.44 -33.33
N PRO A 164 -22.00 10.73 -34.26
CA PRO A 164 -20.82 11.31 -34.90
C PRO A 164 -21.18 12.65 -35.59
N ASP A 165 -22.31 12.70 -36.29
CA ASP A 165 -22.76 13.95 -36.92
C ASP A 165 -22.80 15.12 -35.93
N ASP A 166 -23.41 14.90 -34.77
CA ASP A 166 -23.54 15.95 -33.77
C ASP A 166 -22.18 16.42 -33.26
N TYR A 167 -21.26 15.49 -33.01
CA TYR A 167 -19.97 15.86 -32.46
C TYR A 167 -19.05 16.51 -33.48
N ALA A 168 -19.28 16.22 -34.76
CA ALA A 168 -18.57 16.95 -35.80
C ALA A 168 -19.05 18.42 -35.82
N LEU A 169 -20.37 18.64 -35.66
CA LEU A 169 -20.86 20.02 -35.59
C LEU A 169 -20.20 20.76 -34.43
N ALA A 170 -20.02 20.07 -33.31
CA ALA A 170 -19.45 20.70 -32.13
C ALA A 170 -18.04 21.20 -32.41
N VAL A 171 -17.21 20.34 -33.01
CA VAL A 171 -15.85 20.73 -33.34
C VAL A 171 -15.84 21.86 -34.37
N GLN A 172 -16.73 21.77 -35.36
CA GLN A 172 -16.78 22.84 -36.37
C GLN A 172 -17.12 24.17 -35.73
N ALA A 173 -18.02 24.15 -34.76
CA ALA A 173 -18.41 25.39 -34.11
C ALA A 173 -17.19 26.02 -33.40
N LEU A 174 -16.36 25.20 -32.76
CA LEU A 174 -15.17 25.72 -32.12
C LEU A 174 -14.22 26.32 -33.14
N LEU A 175 -13.98 25.59 -34.23
CA LEU A 175 -13.05 26.04 -35.27
C LEU A 175 -13.51 27.32 -35.97
N GLU A 176 -14.81 27.57 -35.99
CA GLU A 176 -15.35 28.71 -36.73
C GLU A 176 -15.66 29.88 -35.80
N GLY A 177 -15.38 29.73 -34.51
CA GLY A 177 -15.63 30.80 -33.55
C GLY A 177 -17.11 31.04 -33.29
N ARG A 178 -17.92 30.00 -33.51
CA ARG A 178 -19.35 30.08 -33.32
C ARG A 178 -19.82 29.49 -31.99
N ALA A 179 -18.99 28.67 -31.35
CA ALA A 179 -19.40 27.95 -30.15
C ALA A 179 -19.55 28.86 -28.93
N ALA A 180 -18.76 29.93 -28.92
CA ALA A 180 -18.75 30.92 -27.84
C ALA A 180 -18.06 32.16 -28.43
N SER A 181 -17.57 33.07 -27.60
CA SER A 181 -16.80 34.19 -28.14
C SER A 181 -15.54 33.64 -28.81
N GLN A 182 -14.93 34.41 -29.71
CA GLN A 182 -13.75 33.93 -30.43
C GLN A 182 -12.58 33.67 -29.47
N GLU A 183 -12.44 34.52 -28.45
N GLU A 183 -12.47 34.52 -28.45
CA GLU A 183 -11.41 34.32 -27.44
CA GLU A 183 -11.46 34.39 -27.42
C GLU A 183 -11.61 32.98 -26.75
C GLU A 183 -11.61 33.06 -26.68
N SER A 184 -12.86 32.68 -26.41
CA SER A 184 -13.15 31.42 -25.74
C SER A 184 -12.94 30.22 -26.67
N CYS A 185 -13.37 30.34 -27.92
CA CYS A 185 -13.10 29.26 -28.86
C CYS A 185 -11.61 28.99 -29.01
N THR A 186 -10.82 30.06 -29.09
CA THR A 186 -9.36 29.89 -29.16
C THR A 186 -8.83 29.19 -27.90
N ALA A 187 -9.29 29.60 -26.73
CA ALA A 187 -8.86 28.95 -25.49
C ALA A 187 -9.32 27.48 -25.41
N MSE A 188 -10.49 27.18 -25.95
CA MSE A 188 -11.00 25.81 -25.86
C MSE A 188 -10.24 24.88 -26.79
O MSE A 188 -9.98 23.73 -26.44
CB MSE A 188 -12.51 25.76 -26.11
CG MSE A 188 -13.32 26.23 -24.93
SE MSE A 188 -15.22 26.04 -25.22
CE MSE A 188 -15.54 27.60 -26.31
N LEU A 189 -9.87 25.38 -27.96
CA LEU A 189 -9.09 24.59 -28.91
C LEU A 189 -7.71 24.30 -28.33
N ALA A 190 -7.13 25.29 -27.65
CA ALA A 190 -5.89 25.06 -26.92
C ALA A 190 -6.04 24.00 -25.80
N MSE A 191 -7.21 23.94 -25.15
CA MSE A 191 -7.44 22.89 -24.15
C MSE A 191 -7.43 21.51 -24.83
O MSE A 191 -6.79 20.58 -24.33
CB MSE A 191 -8.78 23.07 -23.43
CG MSE A 191 -8.79 24.12 -22.36
SE MSE A 191 -7.60 23.63 -20.86
CE MSE A 191 -7.81 25.29 -19.82
N LEU A 192 -8.17 21.37 -25.93
CA LEU A 192 -8.21 20.10 -26.65
C LEU A 192 -6.81 19.66 -27.09
N GLU A 193 -5.94 20.61 -27.38
CA GLU A 193 -4.57 20.29 -27.76
C GLU A 193 -3.80 19.64 -26.60
N LYS A 194 -4.32 19.79 -25.38
CA LYS A 194 -3.64 19.23 -24.22
C LYS A 194 -4.05 17.78 -23.91
N GLN A 195 -4.91 17.22 -24.77
CA GLN A 195 -5.27 15.80 -24.74
C GLN A 195 -4.03 14.93 -24.47
N GLN A 196 -4.09 14.07 -23.45
CA GLN A 196 -2.90 13.30 -23.10
C GLN A 196 -2.80 11.91 -23.74
N ASN A 197 -3.87 11.45 -24.37
CA ASN A 197 -3.84 10.15 -25.03
C ASN A 197 -3.69 10.29 -26.54
N PRO A 198 -2.47 10.08 -27.07
CA PRO A 198 -2.21 10.25 -28.50
C PRO A 198 -2.48 9.01 -29.36
N ARG A 199 -3.19 8.01 -28.83
CA ARG A 199 -3.26 6.71 -29.49
C ARG A 199 -4.44 6.60 -30.45
N ARG A 200 -5.30 7.61 -30.49
CA ARG A 200 -6.48 7.52 -31.35
C ARG A 200 -6.37 8.52 -32.51
N ILE A 201 -7.13 9.61 -32.47
CA ILE A 201 -6.99 10.63 -33.52
C ILE A 201 -5.53 11.05 -33.62
N GLY A 202 -4.85 11.15 -32.49
CA GLY A 202 -3.51 11.69 -32.50
C GLY A 202 -2.43 10.77 -33.06
N ARG A 203 -2.76 9.52 -33.29
CA ARG A 203 -1.71 8.54 -33.54
C ARG A 203 -0.85 8.82 -34.78
N TYR A 204 -1.49 9.14 -35.89
CA TYR A 204 -0.74 9.34 -37.11
C TYR A 204 -0.68 10.82 -37.51
N VAL A 205 -0.79 11.70 -36.54
CA VAL A 205 -0.56 13.11 -36.84
C VAL A 205 0.94 13.31 -36.96
N PRO A 206 1.38 13.83 -38.10
CA PRO A 206 2.80 14.01 -38.39
C PRO A 206 3.42 15.11 -37.53
N GLU A 207 4.70 14.98 -37.23
CA GLU A 207 5.43 16.02 -36.54
C GLU A 207 5.86 17.05 -37.56
N GLY A 208 5.82 18.32 -37.17
CA GLY A 208 6.18 19.39 -38.09
C GLY A 208 5.68 20.74 -37.64
N GLU A 209 6.21 21.79 -38.28
CA GLU A 209 5.84 23.16 -37.98
C GLU A 209 4.45 23.48 -38.52
N GLY A 210 3.68 24.25 -37.76
CA GLY A 210 2.35 24.66 -38.19
C GLY A 210 1.33 23.52 -38.16
N ILE A 211 1.72 22.39 -37.58
CA ILE A 211 0.81 21.26 -37.39
C ILE A 211 0.33 21.18 -35.93
N ARG A 212 -0.99 21.07 -35.75
CA ARG A 212 -1.59 20.93 -34.42
C ARG A 212 -2.73 19.91 -34.45
N TRP A 213 -3.03 19.33 -33.29
CA TRP A 213 -4.21 18.49 -33.16
C TRP A 213 -4.73 18.56 -31.73
N GLY A 214 -6.01 18.29 -31.56
CA GLY A 214 -6.60 18.23 -30.24
C GLY A 214 -7.79 17.31 -30.32
N SER A 215 -8.18 16.74 -29.19
CA SER A 215 -9.34 15.88 -29.20
C SER A 215 -9.83 15.64 -27.78
N LYS A 216 -11.05 15.14 -27.68
CA LYS A 216 -11.55 14.59 -26.43
C LYS A 216 -11.89 13.13 -26.68
N THR A 217 -11.20 12.26 -25.97
CA THR A 217 -11.45 10.84 -26.03
C THR A 217 -12.63 10.47 -25.15
N GLY A 218 -13.13 9.26 -25.34
CA GLY A 218 -14.14 8.68 -24.49
C GLY A 218 -13.99 7.17 -24.44
N SER A 219 -14.06 6.61 -23.24
CA SER A 219 -13.88 5.18 -23.04
C SER A 219 -14.77 4.67 -21.94
N LEU A 220 -15.41 3.53 -22.19
CA LEU A 220 -16.18 2.77 -21.20
C LEU A 220 -15.97 1.34 -21.63
N THR A 221 -16.37 0.37 -20.81
CA THR A 221 -16.28 -1.02 -21.28
C THR A 221 -17.11 -1.17 -22.57
N GLY A 222 -16.50 -1.74 -23.61
CA GLY A 222 -17.13 -1.87 -24.92
C GLY A 222 -17.27 -0.57 -25.71
N VAL A 223 -16.66 0.49 -25.23
CA VAL A 223 -16.81 1.80 -25.87
C VAL A 223 -15.49 2.53 -26.03
N VAL A 224 -15.13 2.86 -27.27
CA VAL A 224 -13.91 3.63 -27.53
C VAL A 224 -14.20 4.75 -28.55
N ASN A 225 -14.13 6.00 -28.11
CA ASN A 225 -14.46 7.16 -28.95
C ASN A 225 -13.31 8.17 -28.96
N ASP A 226 -13.26 9.00 -29.98
CA ASP A 226 -12.38 10.18 -30.00
C ASP A 226 -12.98 11.24 -30.93
N VAL A 227 -13.02 12.48 -30.48
CA VAL A 227 -13.64 13.55 -31.24
C VAL A 227 -12.68 14.72 -31.27
N GLY A 228 -12.29 15.19 -32.45
CA GLY A 228 -11.34 16.30 -32.48
C GLY A 228 -11.00 16.84 -33.84
N PHE A 229 -9.83 17.46 -33.95
CA PHE A 229 -9.43 18.09 -35.18
C PHE A 229 -7.94 17.92 -35.42
N ILE A 230 -7.55 17.98 -36.68
CA ILE A 230 -6.14 18.04 -37.03
C ILE A 230 -5.93 19.19 -38.01
N THR A 231 -4.99 20.08 -37.67
CA THR A 231 -4.73 21.25 -38.50
C THR A 231 -3.32 21.21 -39.04
N THR A 232 -3.18 21.37 -40.35
CA THR A 232 -1.87 21.59 -40.98
C THR A 232 -1.95 22.90 -41.79
N PRO A 233 -0.80 23.36 -42.30
CA PRO A 233 -0.84 24.59 -43.12
C PRO A 233 -1.78 24.46 -44.33
N ALA A 234 -2.05 23.23 -44.75
CA ALA A 234 -2.91 22.95 -45.89
C ALA A 234 -4.41 22.96 -45.54
N GLY A 235 -4.75 22.94 -44.25
CA GLY A 235 -6.14 22.97 -43.82
C GLY A 235 -6.43 22.10 -42.61
N THR A 236 -7.70 22.02 -42.22
CA THR A 236 -8.09 21.30 -41.00
C THR A 236 -9.06 20.15 -41.27
N LEU A 237 -8.78 19.00 -40.68
CA LEU A 237 -9.63 17.85 -40.76
C LEU A 237 -10.47 17.72 -39.48
N VAL A 238 -11.79 17.61 -39.62
CA VAL A 238 -12.62 17.34 -38.42
C VAL A 238 -12.93 15.86 -38.34
N VAL A 239 -12.72 15.27 -37.16
CA VAL A 239 -12.89 13.84 -36.98
C VAL A 239 -13.72 13.48 -35.76
N ALA A 240 -14.86 12.84 -35.98
CA ALA A 240 -15.67 12.33 -34.87
C ALA A 240 -15.92 10.83 -35.08
N VAL A 241 -15.24 9.99 -34.32
CA VAL A 241 -15.38 8.56 -34.47
C VAL A 241 -15.81 7.93 -33.17
N PHE A 242 -16.89 7.16 -33.22
CA PHE A 242 -17.39 6.41 -32.09
C PHE A 242 -17.30 4.93 -32.39
N THR A 243 -16.86 4.13 -31.42
CA THR A 243 -16.83 2.69 -31.66
C THR A 243 -17.44 1.95 -30.48
N GLU A 244 -18.07 0.83 -30.78
CA GLU A 244 -18.85 0.10 -29.81
C GLU A 244 -18.66 -1.39 -30.04
N ASN A 245 -18.39 -2.12 -28.97
CA ASN A 245 -18.26 -3.57 -29.03
C ASN A 245 -17.16 -4.12 -29.93
N LEU A 246 -16.12 -3.33 -30.18
CA LEU A 246 -14.90 -3.92 -30.77
C LEU A 246 -14.30 -4.88 -29.74
N PRO A 247 -13.33 -5.71 -30.15
CA PRO A 247 -12.91 -6.78 -29.23
C PRO A 247 -12.33 -6.30 -27.89
N ASP A 248 -11.62 -5.19 -27.89
CA ASP A 248 -10.99 -4.69 -26.67
C ASP A 248 -10.51 -3.27 -26.87
N LEU A 249 -9.94 -2.69 -25.81
CA LEU A 249 -9.46 -1.32 -25.86
C LEU A 249 -8.45 -1.13 -27.00
N HIS A 250 -7.49 -2.04 -27.09
CA HIS A 250 -6.47 -1.95 -28.14
C HIS A 250 -7.11 -1.89 -29.54
N ALA A 251 -8.10 -2.72 -29.77
CA ALA A 251 -8.74 -2.76 -31.08
C ALA A 251 -9.47 -1.44 -31.37
N GLY A 252 -10.12 -0.90 -30.34
CA GLY A 252 -10.81 0.37 -30.48
C GLY A 252 -9.86 1.51 -30.84
N GLU A 253 -8.76 1.62 -30.10
CA GLU A 253 -7.79 2.67 -30.35
C GLU A 253 -7.15 2.51 -31.74
N GLN A 254 -6.79 1.28 -32.10
CA GLN A 254 -6.19 1.04 -33.41
C GLN A 254 -7.14 1.43 -34.56
N ALA A 255 -8.42 1.12 -34.41
CA ALA A 255 -9.42 1.44 -35.43
C ALA A 255 -9.51 2.94 -35.65
N ILE A 256 -9.62 3.71 -34.57
CA ILE A 256 -9.70 5.15 -34.72
C ILE A 256 -8.43 5.72 -35.36
N GLY A 257 -7.26 5.26 -34.93
CA GLY A 257 -6.01 5.69 -35.54
C GLY A 257 -5.95 5.40 -37.03
N ASP A 258 -6.37 4.19 -37.42
CA ASP A 258 -6.35 3.77 -38.84
C ASP A 258 -7.35 4.56 -39.70
N ILE A 259 -8.53 4.76 -39.16
CA ILE A 259 -9.54 5.55 -39.88
C ILE A 259 -9.05 6.98 -40.10
N THR A 260 -8.49 7.57 -39.03
CA THR A 260 -7.95 8.93 -39.08
C THR A 260 -6.78 9.05 -40.07
N ARG A 261 -5.87 8.09 -40.02
CA ARG A 261 -4.76 8.10 -40.96
C ARG A 261 -5.24 8.06 -42.41
N ALA A 262 -6.19 7.16 -42.69
CA ALA A 262 -6.71 7.01 -44.03
C ALA A 262 -7.39 8.31 -44.47
N ALA A 263 -8.03 8.99 -43.53
CA ALA A 263 -8.70 10.26 -43.83
C ALA A 263 -7.68 11.36 -44.15
N LEU A 264 -6.58 11.38 -43.42
CA LEU A 264 -5.52 12.36 -43.67
C LEU A 264 -4.92 12.16 -45.06
N GLN A 265 -4.69 10.91 -45.43
CA GLN A 265 -4.22 10.60 -46.79
C GLN A 265 -5.26 10.96 -47.85
N ALA A 266 -6.51 10.62 -47.60
CA ALA A 266 -7.56 10.85 -48.62
C ALA A 266 -7.73 12.34 -48.96
N THR A 267 -7.58 13.20 -47.96
N THR A 267 -7.58 13.20 -47.97
CA THR A 267 -7.79 14.63 -48.15
CA THR A 267 -7.80 14.64 -48.14
C THR A 267 -6.52 15.38 -48.50
C THR A 267 -6.53 15.38 -48.52
N GLY A 268 -5.41 14.66 -48.60
CA GLY A 268 -4.15 15.26 -49.01
C GLY A 268 -3.46 16.07 -47.92
N LEU A 269 -3.87 15.85 -46.68
CA LEU A 269 -3.24 16.52 -45.55
C LEU A 269 -1.89 15.91 -45.17
N ILE A 270 -1.73 14.61 -45.41
CA ILE A 270 -0.40 14.00 -45.36
C ILE A 270 -0.24 13.29 -46.70
N PRO A 271 1.02 12.91 -47.05
CA PRO A 271 1.19 12.31 -48.38
C PRO A 271 0.47 10.96 -48.54
N PRO A 272 0.18 10.56 -49.79
CA PRO A 272 -0.49 9.27 -49.99
C PRO A 272 0.32 8.10 -49.42
N GLY A 273 -0.35 7.02 -49.03
CA GLY A 273 0.36 5.88 -48.49
C GLY A 273 -0.50 4.63 -48.45
N ALA A 274 -0.02 3.59 -47.76
CA ALA A 274 -0.74 2.33 -47.67
C ALA A 274 -2.08 2.50 -46.99
N ALA A 275 -3.03 1.64 -47.35
CA ALA A 275 -4.38 1.70 -46.79
C ALA A 275 -4.37 1.43 -45.29
N ILE B 9 8.53 -25.28 -15.72
CA ILE B 9 8.02 -24.15 -16.53
C ILE B 9 8.65 -24.09 -17.91
N ASP B 10 7.81 -23.95 -18.94
CA ASP B 10 8.28 -23.83 -20.31
C ASP B 10 8.24 -22.37 -20.75
N TRP B 11 9.41 -21.75 -20.86
CA TRP B 11 9.51 -20.34 -21.18
C TRP B 11 9.52 -20.04 -22.69
N SER B 12 9.36 -21.07 -23.53
CA SER B 12 9.52 -20.88 -24.97
C SER B 12 8.51 -19.90 -25.55
N GLY B 13 7.35 -19.80 -24.89
CA GLY B 13 6.33 -18.86 -25.30
C GLY B 13 6.79 -17.44 -25.02
N VAL B 14 7.38 -17.23 -23.85
CA VAL B 14 7.91 -15.92 -23.51
C VAL B 14 9.08 -15.57 -24.44
N ALA B 15 9.98 -16.54 -24.68
CA ALA B 15 11.10 -16.29 -25.56
C ALA B 15 10.63 -15.92 -26.96
N ALA B 16 9.58 -16.59 -27.42
CA ALA B 16 8.99 -16.29 -28.72
C ALA B 16 8.47 -14.85 -28.77
N ALA B 17 7.79 -14.42 -27.72
CA ALA B 17 7.28 -13.05 -27.67
C ALA B 17 8.44 -12.05 -27.71
N VAL B 18 9.51 -12.35 -26.98
CA VAL B 18 10.69 -11.51 -26.98
C VAL B 18 11.30 -11.42 -28.39
N ALA B 19 11.49 -12.56 -29.03
CA ALA B 19 12.02 -12.58 -30.40
C ALA B 19 11.17 -11.78 -31.39
N ALA B 20 9.84 -11.90 -31.28
CA ALA B 20 8.95 -11.15 -32.17
C ALA B 20 9.13 -9.65 -31.95
N ALA B 21 9.25 -9.23 -30.70
CA ALA B 21 9.41 -7.81 -30.39
C ALA B 21 10.71 -7.23 -30.95
N GLU B 22 11.75 -8.06 -31.02
CA GLU B 22 13.06 -7.61 -31.49
C GLU B 22 13.22 -7.79 -33.00
N ALA B 23 12.19 -8.35 -33.64
CA ALA B 23 12.28 -8.70 -35.06
C ALA B 23 12.11 -7.48 -35.95
N THR B 24 11.93 -6.32 -35.35
CA THR B 24 11.82 -5.09 -36.11
C THR B 24 12.95 -4.13 -35.81
N GLY B 25 14.06 -4.67 -35.29
CA GLY B 25 15.26 -3.89 -35.06
C GLY B 25 15.60 -3.52 -33.62
N GLY B 26 14.59 -3.37 -32.76
CA GLY B 26 14.82 -2.89 -31.40
C GLY B 26 15.46 -3.92 -30.46
N THR B 27 15.65 -3.51 -29.20
CA THR B 27 16.20 -4.42 -28.18
C THR B 27 15.30 -4.47 -26.96
N VAL B 28 15.12 -5.68 -26.44
CA VAL B 28 14.25 -5.90 -25.28
C VAL B 28 15.07 -6.41 -24.09
N GLY B 29 14.76 -5.90 -22.91
CA GLY B 29 15.32 -6.43 -21.68
C GLY B 29 14.17 -6.90 -20.83
N ALA B 30 14.25 -8.13 -20.34
CA ALA B 30 13.16 -8.68 -19.53
C ALA B 30 13.69 -9.60 -18.44
N THR B 31 13.19 -9.37 -17.22
CA THR B 31 13.41 -10.27 -16.11
C THR B 31 12.06 -10.55 -15.45
N ILE B 32 11.67 -11.82 -15.45
CA ILE B 32 10.33 -12.20 -15.02
C ILE B 32 10.42 -13.30 -13.98
N VAL B 33 9.77 -13.09 -12.84
CA VAL B 33 9.86 -14.07 -11.75
C VAL B 33 8.52 -14.75 -11.49
N ALA B 34 8.50 -16.06 -11.72
CA ALA B 34 7.32 -16.88 -11.46
C ALA B 34 7.05 -16.90 -9.96
N PRO B 35 5.79 -17.13 -9.56
CA PRO B 35 5.40 -17.28 -8.16
C PRO B 35 6.38 -18.14 -7.35
N GLY B 36 6.90 -19.20 -7.98
CA GLY B 36 7.80 -20.11 -7.29
C GLY B 36 9.21 -19.59 -7.14
N GLY B 37 9.53 -18.50 -7.83
CA GLY B 37 10.87 -17.94 -7.79
C GLY B 37 11.69 -18.26 -9.03
N GLU B 38 11.23 -19.19 -9.84
CA GLU B 38 11.92 -19.50 -11.10
C GLU B 38 11.89 -18.28 -12.02
N THR B 39 13.06 -17.86 -12.48
CA THR B 39 13.18 -16.58 -13.18
C THR B 39 13.55 -16.73 -14.65
N PHE B 40 12.91 -15.92 -15.49
CA PHE B 40 13.29 -15.81 -16.89
C PHE B 40 14.05 -14.50 -17.09
N ARG B 41 15.19 -14.59 -17.79
CA ARG B 41 16.02 -13.42 -18.08
C ARG B 41 16.40 -13.37 -19.55
N HIS B 42 16.19 -12.20 -20.15
CA HIS B 42 16.68 -11.89 -21.50
C HIS B 42 17.31 -10.50 -21.41
N ASN B 43 18.61 -10.40 -21.66
CA ASN B 43 19.34 -9.15 -21.46
C ASN B 43 19.14 -8.57 -20.06
N GLY B 44 19.06 -9.45 -19.07
CA GLY B 44 18.74 -9.04 -17.71
C GLY B 44 19.69 -8.03 -17.10
N ASP B 45 20.96 -8.12 -17.45
CA ASP B 45 21.97 -7.23 -16.88
C ASP B 45 22.44 -6.17 -17.88
N ARG B 46 21.65 -5.94 -18.92
CA ARG B 46 21.97 -4.93 -19.92
C ARG B 46 21.40 -3.58 -19.51
N ARG B 47 22.17 -2.52 -19.70
CA ARG B 47 21.66 -1.19 -19.36
C ARG B 47 20.68 -0.61 -20.39
N PHE B 48 19.53 -0.17 -19.89
CA PHE B 48 18.52 0.53 -20.69
C PHE B 48 18.29 1.89 -20.05
N ARG B 49 17.85 2.85 -20.86
CA ARG B 49 17.37 4.11 -20.30
C ARG B 49 16.17 3.79 -19.41
N ALA B 50 16.22 4.21 -18.15
CA ALA B 50 15.17 3.90 -17.21
C ALA B 50 13.88 4.65 -17.51
N ALA B 51 14.01 5.80 -18.16
CA ALA B 51 12.88 6.72 -18.25
C ALA B 51 12.24 6.84 -16.85
N SER B 52 10.91 6.88 -16.80
CA SER B 52 10.18 7.09 -15.54
C SER B 52 10.24 5.95 -14.54
N THR B 53 10.81 4.81 -14.91
CA THR B 53 10.80 3.67 -13.99
C THR B 53 11.61 3.99 -12.75
N VAL B 54 12.52 4.94 -12.87
CA VAL B 54 13.39 5.30 -11.76
C VAL B 54 12.60 6.00 -10.67
N LYS B 55 11.36 6.35 -10.97
CA LYS B 55 10.48 6.92 -9.95
C LYS B 55 10.18 5.90 -8.84
N ILE B 56 10.43 4.62 -9.10
CA ILE B 56 10.25 3.61 -8.06
C ILE B 56 11.25 3.78 -6.89
N PRO B 57 12.56 3.76 -7.18
CA PRO B 57 13.49 3.93 -6.05
C PRO B 57 13.32 5.30 -5.40
N LEU B 58 12.85 6.29 -6.18
CA LEU B 58 12.60 7.62 -5.63
C LEU B 58 11.51 7.55 -4.57
N MSE B 59 10.44 6.85 -4.91
CA MSE B 59 9.33 6.66 -3.99
C MSE B 59 9.84 5.96 -2.73
O MSE B 59 9.52 6.36 -1.61
CB MSE B 59 8.21 5.85 -4.64
CG MSE B 59 7.20 5.30 -3.65
SE MSE B 59 5.70 4.42 -4.54
CE MSE B 59 6.64 2.96 -5.42
N ILE B 60 10.61 4.90 -2.93
CA ILE B 60 11.19 4.17 -1.79
C ILE B 60 11.99 5.09 -0.87
N ALA B 61 12.79 5.97 -1.45
CA ALA B 61 13.54 6.92 -0.63
C ALA B 61 12.60 7.86 0.13
N VAL B 62 11.50 8.26 -0.51
CA VAL B 62 10.54 9.11 0.18
C VAL B 62 9.94 8.42 1.41
N TYR B 63 9.49 7.17 1.26
CA TYR B 63 8.90 6.47 2.39
C TYR B 63 9.92 6.17 3.47
N ARG B 64 11.17 5.94 3.08
CA ARG B 64 12.23 5.72 4.05
C ARG B 64 12.40 6.96 4.93
N ALA B 65 12.36 8.13 4.30
CA ALA B 65 12.44 9.36 5.06
C ALA B 65 11.24 9.46 6.02
N VAL B 66 10.06 9.11 5.53
CA VAL B 66 8.88 9.11 6.40
C VAL B 66 9.08 8.11 7.54
N ASP B 67 9.47 6.89 7.20
CA ASP B 67 9.76 5.86 8.20
C ASP B 67 10.67 6.42 9.29
N ALA B 68 11.73 7.10 8.87
CA ALA B 68 12.73 7.62 9.79
C ALA B 68 12.27 8.87 10.54
N GLY B 69 11.04 9.30 10.31
CA GLY B 69 10.52 10.50 10.96
C GLY B 69 11.11 11.81 10.44
N GLU B 70 11.76 11.77 9.28
CA GLU B 70 12.36 12.97 8.67
C GLU B 70 11.31 13.88 8.02
N ARG B 71 10.27 13.28 7.45
CA ARG B 71 9.15 14.05 6.93
C ARG B 71 7.85 13.26 7.11
N ALA B 72 6.73 13.88 6.74
CA ALA B 72 5.42 13.29 6.96
C ALA B 72 4.60 13.43 5.70
N LEU B 73 3.74 12.44 5.42
CA LEU B 73 3.02 12.42 4.15
C LEU B 73 2.02 13.57 4.06
N THR B 74 1.78 14.19 5.21
CA THR B 74 0.87 15.32 5.29
C THR B 74 1.57 16.66 5.06
N ASP B 75 2.90 16.64 5.00
CA ASP B 75 3.67 17.87 4.78
C ASP B 75 3.17 18.61 3.53
N ARG B 76 3.11 19.93 3.59
CA ARG B 76 2.60 20.70 2.46
C ARG B 76 3.70 21.29 1.59
N ILE B 77 3.46 21.29 0.28
CA ILE B 77 4.39 21.83 -0.71
C ILE B 77 3.64 22.64 -1.75
N VAL B 78 4.12 23.85 -2.03
CA VAL B 78 3.44 24.76 -2.94
C VAL B 78 3.96 24.65 -4.37
N LEU B 79 3.05 24.55 -5.33
CA LEU B 79 3.41 24.56 -6.76
C LEU B 79 3.92 25.91 -7.26
N ARG B 80 5.13 25.89 -7.82
CA ARG B 80 5.84 27.08 -8.31
C ARG B 80 6.00 27.00 -9.82
N ALA B 81 5.72 28.09 -10.52
CA ALA B 81 5.93 28.12 -11.96
C ALA B 81 7.35 27.67 -12.29
N ALA B 82 8.33 28.14 -11.52
CA ALA B 82 9.72 27.82 -11.82
C ALA B 82 10.04 26.33 -11.64
N ASP B 83 9.19 25.61 -10.92
CA ASP B 83 9.38 24.17 -10.72
C ASP B 83 8.71 23.30 -11.76
N LYS B 84 7.86 23.89 -12.60
CA LYS B 84 7.08 23.12 -13.54
C LYS B 84 8.01 22.47 -14.57
N ALA B 85 7.87 21.17 -14.78
CA ALA B 85 8.70 20.47 -15.75
C ALA B 85 7.90 20.10 -16.99
N PRO B 86 8.57 19.99 -18.14
CA PRO B 86 7.86 19.54 -19.34
C PRO B 86 7.61 18.04 -19.30
N GLY B 87 6.86 17.53 -20.26
CA GLY B 87 6.57 16.11 -20.32
C GLY B 87 5.32 15.68 -19.56
N SER B 88 5.31 14.43 -19.13
CA SER B 88 4.12 13.85 -18.53
C SER B 88 3.75 14.49 -17.17
N GLY B 89 2.45 14.48 -16.88
CA GLY B 89 1.92 15.00 -15.62
C GLY B 89 0.82 16.01 -15.87
N VAL B 90 0.23 16.53 -14.80
CA VAL B 90 -0.78 17.57 -14.91
C VAL B 90 -0.36 18.86 -14.18
N LEU B 91 0.58 18.76 -13.25
CA LEU B 91 0.96 19.95 -12.48
C LEU B 91 1.45 21.07 -13.37
N LEU B 92 2.12 20.73 -14.48
CA LEU B 92 2.65 21.79 -15.34
C LEU B 92 1.57 22.75 -15.86
N HIS B 93 0.31 22.33 -15.82
CA HIS B 93 -0.78 23.22 -16.26
C HIS B 93 -1.77 23.64 -15.17
N LEU B 94 -1.49 23.28 -13.93
CA LEU B 94 -2.35 23.73 -12.83
C LEU B 94 -1.85 25.08 -12.30
N HIS B 95 -2.68 25.80 -11.57
CA HIS B 95 -2.32 27.19 -11.24
C HIS B 95 -1.16 27.28 -10.24
N ASP B 96 -0.30 28.26 -10.46
CA ASP B 96 0.75 28.60 -9.51
C ASP B 96 0.14 28.94 -8.16
N GLY B 97 0.70 28.37 -7.10
CA GLY B 97 0.16 28.59 -5.77
C GLY B 97 -0.61 27.38 -5.25
N LEU B 98 -0.90 26.43 -6.12
CA LEU B 98 -1.59 25.22 -5.70
C LEU B 98 -0.81 24.57 -4.56
N GLU B 99 -1.49 24.26 -3.46
CA GLU B 99 -0.86 23.63 -2.29
C GLU B 99 -1.14 22.13 -2.22
N LEU B 100 -0.08 21.34 -2.32
CA LEU B 100 -0.21 19.88 -2.34
C LEU B 100 0.39 19.28 -1.09
N THR B 101 0.12 18.00 -0.83
CA THR B 101 0.79 17.31 0.26
C THR B 101 1.84 16.38 -0.31
N LEU B 102 2.76 15.95 0.55
CA LEU B 102 3.76 15.00 0.13
C LEU B 102 3.09 13.77 -0.49
N GLU B 103 2.03 13.27 0.14
CA GLU B 103 1.33 12.11 -0.41
C GLU B 103 0.77 12.41 -1.82
N ASP B 104 0.17 13.59 -2.00
CA ASP B 104 -0.30 14.01 -3.32
C ASP B 104 0.83 13.86 -4.35
N LEU B 105 2.02 14.33 -3.97
CA LEU B 105 3.16 14.33 -4.92
C LEU B 105 3.58 12.91 -5.29
N VAL B 106 3.70 12.05 -4.29
CA VAL B 106 3.98 10.65 -4.55
C VAL B 106 2.92 10.04 -5.45
N TYR B 107 1.66 10.29 -5.14
CA TYR B 107 0.57 9.76 -5.97
C TYR B 107 0.64 10.22 -7.42
N LEU B 108 0.93 11.50 -7.66
CA LEU B 108 1.01 12.02 -9.03
C LEU B 108 2.25 11.45 -9.73
N THR B 109 3.32 11.32 -8.97
CA THR B 109 4.55 10.76 -9.50
C THR B 109 4.35 9.35 -10.05
N ILE B 110 3.60 8.54 -9.30
CA ILE B 110 3.44 7.12 -9.66
C ILE B 110 2.29 6.89 -10.66
N SER B 111 1.13 7.47 -10.38
CA SER B 111 -0.08 7.20 -11.14
C SER B 111 0.01 7.63 -12.61
N ILE B 112 0.51 8.85 -12.84
CA ILE B 112 0.56 9.40 -14.20
C ILE B 112 1.93 9.93 -14.57
N SER B 113 2.92 9.63 -13.73
CA SER B 113 4.31 9.97 -14.01
C SER B 113 4.51 11.50 -14.09
N ASP B 114 3.99 12.21 -13.12
CA ASP B 114 4.06 13.67 -13.14
C ASP B 114 5.51 14.11 -12.90
N ASN B 115 6.14 14.64 -13.94
CA ASN B 115 7.55 15.09 -13.86
C ASN B 115 7.80 16.25 -12.90
N THR B 116 6.87 17.19 -12.83
CA THR B 116 6.97 18.26 -11.84
C THR B 116 6.96 17.69 -10.42
N ALA B 117 6.00 16.80 -10.15
CA ALA B 117 5.91 16.18 -8.84
C ALA B 117 7.20 15.41 -8.56
N THR B 118 7.72 14.76 -9.58
CA THR B 118 8.94 13.97 -9.43
C THR B 118 10.14 14.83 -9.05
N ASN B 119 10.33 15.96 -9.73
CA ASN B 119 11.47 16.82 -9.47
C ASN B 119 11.37 17.48 -8.10
N LEU B 120 10.15 17.76 -7.66
CA LEU B 120 9.95 18.25 -6.30
C LEU B 120 10.40 17.23 -5.26
N LEU B 121 10.02 15.97 -5.47
CA LEU B 121 10.44 14.90 -4.54
C LEU B 121 11.96 14.74 -4.54
N ILE B 122 12.57 14.81 -5.72
CA ILE B 122 14.03 14.75 -5.84
C ILE B 122 14.70 15.86 -5.05
N ASP B 123 14.19 17.08 -5.19
CA ASP B 123 14.71 18.20 -4.41
C ASP B 123 14.55 17.94 -2.92
N LEU B 124 13.41 17.34 -2.54
CA LEU B 124 13.14 17.10 -1.13
C LEU B 124 14.12 16.10 -0.55
N VAL B 125 14.35 15.03 -1.31
CA VAL B 125 15.03 13.86 -0.80
C VAL B 125 16.53 13.87 -1.15
N GLY B 126 16.86 14.51 -2.27
CA GLY B 126 18.24 14.60 -2.73
C GLY B 126 18.62 13.38 -3.54
N LEU B 127 19.54 13.56 -4.50
CA LEU B 127 19.98 12.46 -5.34
C LEU B 127 20.67 11.37 -4.52
N ASP B 128 21.54 11.79 -3.59
CA ASP B 128 22.29 10.83 -2.79
C ASP B 128 21.37 9.81 -2.12
N ALA B 129 20.25 10.28 -1.57
CA ALA B 129 19.31 9.42 -0.87
C ALA B 129 18.74 8.33 -1.77
N VAL B 130 18.46 8.70 -3.03
CA VAL B 130 17.89 7.74 -3.98
C VAL B 130 18.93 6.68 -4.35
N ASN B 131 20.15 7.12 -4.64
CA ASN B 131 21.20 6.17 -4.98
C ASN B 131 21.59 5.29 -3.80
N ASP B 132 21.37 5.80 -2.58
CA ASP B 132 21.54 4.98 -1.38
C ASP B 132 20.53 3.84 -1.39
N VAL B 133 19.27 4.16 -1.67
CA VAL B 133 18.24 3.14 -1.77
C VAL B 133 18.63 2.10 -2.82
N ILE B 134 19.02 2.59 -3.98
CA ILE B 134 19.38 1.75 -5.12
C ILE B 134 20.48 0.78 -4.73
N ALA B 135 21.56 1.30 -4.15
CA ALA B 135 22.64 0.46 -3.67
C ALA B 135 22.19 -0.58 -2.65
N SER B 136 21.41 -0.14 -1.66
CA SER B 136 21.01 -1.02 -0.56
C SER B 136 20.12 -2.18 -1.03
N LEU B 137 19.56 -2.05 -2.23
CA LEU B 137 18.70 -3.08 -2.76
C LEU B 137 19.46 -4.01 -3.71
N GLY B 138 20.76 -3.80 -3.80
CA GLY B 138 21.61 -4.58 -4.68
C GLY B 138 21.33 -4.31 -6.16
N MSE B 139 20.82 -3.13 -6.49
CA MSE B 139 20.66 -2.73 -7.88
C MSE B 139 21.97 -2.14 -8.40
O MSE B 139 22.13 -0.92 -8.51
CB MSE B 139 19.51 -1.71 -8.02
CG MSE B 139 18.16 -2.24 -7.57
SE MSE B 139 16.84 -0.85 -7.22
CE MSE B 139 16.44 -0.28 -9.05
N ARG B 140 22.91 -3.02 -8.75
CA ARG B 140 24.30 -2.63 -9.00
C ARG B 140 24.52 -1.78 -10.25
N ASP B 141 23.58 -1.82 -11.19
CA ASP B 141 23.81 -1.15 -12.47
C ASP B 141 22.86 0.04 -12.74
N SER B 142 22.07 0.42 -11.74
CA SER B 142 21.10 1.49 -11.92
C SER B 142 21.48 2.75 -11.17
N ASN B 143 20.86 3.86 -11.51
CA ASN B 143 21.23 5.15 -10.91
C ASN B 143 20.19 6.22 -11.17
N LEU B 144 20.18 7.23 -10.31
CA LEU B 144 19.47 8.47 -10.59
C LEU B 144 20.48 9.60 -10.58
N SER B 145 20.69 10.19 -11.76
CA SER B 145 21.68 11.24 -11.91
C SER B 145 21.08 12.50 -12.50
N ARG B 146 19.85 12.43 -13.02
CA ARG B 146 19.24 13.63 -13.58
C ARG B 146 17.75 13.71 -13.34
N LYS B 147 17.27 14.93 -13.25
CA LYS B 147 15.85 15.18 -13.02
C LYS B 147 15.10 14.94 -14.31
N MSE B 148 13.77 14.86 -14.19
CA MSE B 148 12.96 14.58 -15.36
C MSE B 148 12.98 15.80 -16.28
O MSE B 148 12.85 16.93 -15.81
CB MSE B 148 11.55 14.21 -14.95
CG MSE B 148 11.51 13.14 -13.86
SE MSE B 148 12.22 11.44 -14.51
CE MSE B 148 13.91 11.40 -13.58
N LYS B 149 13.15 15.55 -17.57
CA LYS B 149 13.19 16.62 -18.57
C LYS B 149 12.14 16.35 -19.66
N GLY B 150 11.57 15.15 -19.66
CA GLY B 150 10.61 14.76 -20.69
C GLY B 150 11.25 14.37 -22.01
N ARG B 151 12.55 14.06 -21.97
CA ARG B 151 13.29 13.68 -23.18
C ARG B 151 14.58 12.93 -22.81
N PRO B 152 15.10 12.13 -23.74
CA PRO B 152 16.36 11.44 -23.41
C PRO B 152 17.52 12.42 -23.29
N ALA B 153 18.45 12.11 -22.38
CA ALA B 153 19.65 12.92 -22.19
C ALA B 153 20.44 13.00 -23.49
N LEU B 154 21.07 14.15 -23.74
CA LEU B 154 21.93 14.30 -24.89
C LEU B 154 23.27 13.61 -24.63
N PRO B 155 24.09 13.44 -25.68
CA PRO B 155 25.42 12.87 -25.46
C PRO B 155 26.33 13.86 -24.72
N GLU B 157 25.31 14.67 -21.60
CA GLU B 157 24.53 14.71 -20.36
C GLU B 157 24.54 13.36 -19.64
N PRO B 158 24.43 13.40 -18.30
CA PRO B 158 24.25 12.20 -17.45
C PRO B 158 22.86 11.62 -17.68
N GLU B 159 22.75 10.29 -17.68
CA GLU B 159 21.51 9.61 -17.97
C GLU B 159 21.11 8.67 -16.81
N ASN B 160 19.83 8.45 -16.62
CA ASN B 160 19.36 7.47 -15.65
C ASN B 160 19.27 6.07 -16.27
N TRP B 161 20.12 5.15 -15.83
CA TRP B 161 20.16 3.80 -16.38
C TRP B 161 19.48 2.75 -15.48
N ALA B 162 19.01 1.69 -16.12
CA ALA B 162 18.30 0.62 -15.45
C ALA B 162 18.68 -0.70 -16.12
N THR B 163 18.63 -1.79 -15.37
CA THR B 163 18.61 -3.12 -15.95
C THR B 163 17.35 -3.81 -15.50
N PRO B 164 16.85 -4.77 -16.28
CA PRO B 164 15.64 -5.49 -15.86
C PRO B 164 15.90 -6.30 -14.57
N ASP B 165 17.11 -6.83 -14.40
CA ASP B 165 17.45 -7.53 -13.17
C ASP B 165 17.26 -6.63 -11.96
N ASP B 166 17.79 -5.42 -12.04
CA ASP B 166 17.75 -4.50 -10.93
C ASP B 166 16.32 -4.13 -10.57
N TYR B 167 15.49 -3.88 -11.56
CA TYR B 167 14.13 -3.46 -11.28
C TYR B 167 13.22 -4.61 -10.83
N ALA B 168 13.55 -5.84 -11.24
CA ALA B 168 12.87 -7.00 -10.67
C ALA B 168 13.16 -7.08 -9.17
N LEU B 169 14.42 -6.86 -8.79
CA LEU B 169 14.80 -6.84 -7.38
C LEU B 169 13.95 -5.85 -6.57
N ALA B 170 13.73 -4.66 -7.14
CA ALA B 170 13.01 -3.60 -6.46
C ALA B 170 11.55 -3.98 -6.20
N VAL B 171 10.88 -4.54 -7.20
CA VAL B 171 9.50 -4.99 -7.05
C VAL B 171 9.44 -6.07 -5.96
N GLN B 172 10.36 -7.03 -6.05
CA GLN B 172 10.50 -8.08 -5.05
C GLN B 172 10.70 -7.56 -3.61
N ALA B 173 11.53 -6.54 -3.44
CA ALA B 173 11.74 -5.99 -2.11
C ALA B 173 10.45 -5.37 -1.55
N LEU B 174 9.64 -4.78 -2.43
CA LEU B 174 8.33 -4.26 -2.06
C LEU B 174 7.39 -5.40 -1.66
N LEU B 175 7.27 -6.39 -2.53
CA LEU B 175 6.38 -7.52 -2.28
C LEU B 175 6.70 -8.25 -0.98
N GLU B 176 7.98 -8.30 -0.63
CA GLU B 176 8.45 -9.09 0.52
C GLU B 176 8.61 -8.24 1.77
N GLY B 177 8.35 -6.95 1.66
CA GLY B 177 8.37 -6.05 2.79
C GLY B 177 9.76 -5.67 3.27
N ARG B 178 10.74 -5.74 2.35
CA ARG B 178 12.14 -5.46 2.69
C ARG B 178 12.60 -4.09 2.24
N ALA B 179 11.86 -3.49 1.28
CA ALA B 179 12.23 -2.19 0.71
C ALA B 179 12.20 -1.06 1.74
N ALA B 180 11.32 -1.18 2.73
CA ALA B 180 11.17 -0.21 3.81
C ALA B 180 10.36 -0.92 4.89
N SER B 181 9.72 -0.16 5.77
CA SER B 181 8.86 -0.79 6.77
C SER B 181 7.74 -1.53 6.04
N GLN B 182 7.17 -2.55 6.69
CA GLN B 182 6.11 -3.30 6.05
C GLN B 182 4.95 -2.39 5.71
N GLU B 183 4.66 -1.44 6.59
CA GLU B 183 3.62 -0.44 6.38
C GLU B 183 3.86 0.36 5.11
N SER B 184 5.06 0.90 4.97
CA SER B 184 5.38 1.66 3.77
C SER B 184 5.31 0.79 2.50
N CYS B 185 5.77 -0.45 2.61
CA CYS B 185 5.75 -1.33 1.45
C CYS B 185 4.31 -1.55 0.97
N THR B 186 3.38 -1.78 1.89
CA THR B 186 2.00 -1.97 1.47
CA THR B 186 1.98 -1.96 1.49
C THR B 186 1.44 -0.68 0.87
N ALA B 187 1.82 0.47 1.41
CA ALA B 187 1.38 1.76 0.88
C ALA B 187 1.90 1.97 -0.53
N MSE B 188 3.14 1.57 -0.75
CA MSE B 188 3.78 1.78 -2.05
C MSE B 188 3.21 0.86 -3.12
O MSE B 188 3.02 1.25 -4.27
CB MSE B 188 5.28 1.63 -1.93
CG MSE B 188 5.96 2.82 -1.29
SE MSE B 188 7.91 2.72 -1.35
CE MSE B 188 8.25 1.52 0.12
N LEU B 189 2.93 -0.39 -2.72
CA LEU B 189 2.28 -1.31 -3.64
C LEU B 189 0.91 -0.76 -4.03
N ALA B 190 0.19 -0.19 -3.06
CA ALA B 190 -1.08 0.47 -3.35
C ALA B 190 -0.94 1.61 -4.36
N MSE B 191 0.17 2.36 -4.27
CA MSE B 191 0.45 3.42 -5.23
C MSE B 191 0.64 2.84 -6.62
O MSE B 191 0.05 3.33 -7.60
CB MSE B 191 1.71 4.21 -4.85
CG MSE B 191 1.51 5.09 -3.65
SE MSE B 191 0.30 6.57 -4.05
CE MSE B 191 0.38 7.40 -2.28
N LEU B 192 1.45 1.78 -6.73
CA LEU B 192 1.68 1.15 -8.03
C LEU B 192 0.35 0.63 -8.58
N GLU B 193 -0.57 0.19 -7.71
CA GLU B 193 -1.90 -0.21 -8.19
C GLU B 193 -2.69 0.94 -8.83
N LYS B 194 -2.25 2.18 -8.61
CA LYS B 194 -2.92 3.36 -9.18
C LYS B 194 -2.47 3.68 -10.60
N GLN B 195 -1.57 2.85 -11.14
CA GLN B 195 -1.09 3.04 -12.50
C GLN B 195 -2.27 3.30 -13.46
N GLN B 196 -2.21 4.40 -14.19
CA GLN B 196 -3.30 4.79 -15.08
C GLN B 196 -3.21 4.21 -16.51
N ASN B 197 -2.06 3.64 -16.86
CA ASN B 197 -1.88 3.04 -18.20
C ASN B 197 -1.91 1.51 -18.17
N PRO B 198 -3.04 0.90 -18.57
CA PRO B 198 -3.21 -0.55 -18.48
C PRO B 198 -2.77 -1.27 -19.76
N ARG B 199 -2.04 -0.60 -20.64
CA ARG B 199 -1.76 -1.14 -21.97
C ARG B 199 -0.48 -1.97 -22.05
N ARG B 200 0.29 -2.01 -20.98
CA ARG B 200 1.53 -2.78 -20.97
C ARG B 200 1.39 -4.00 -20.05
N ILE B 201 2.00 -3.99 -18.87
CA ILE B 201 1.81 -5.11 -17.93
C ILE B 201 0.33 -5.36 -17.65
N GLY B 202 -0.46 -4.28 -17.61
CA GLY B 202 -1.87 -4.38 -17.24
C GLY B 202 -2.76 -5.04 -18.29
N ARG B 203 -2.27 -5.17 -19.51
CA ARG B 203 -3.16 -5.47 -20.62
C ARG B 203 -3.88 -6.80 -20.52
N TYR B 204 -3.16 -7.85 -20.13
CA TYR B 204 -3.77 -9.17 -20.11
C TYR B 204 -4.03 -9.71 -18.70
N VAL B 205 -4.06 -8.81 -17.72
CA VAL B 205 -4.43 -9.18 -16.36
C VAL B 205 -5.89 -9.62 -16.35
N PRO B 206 -6.15 -10.87 -15.92
CA PRO B 206 -7.49 -11.45 -15.93
C PRO B 206 -8.44 -10.70 -15.01
N GLU B 207 -9.73 -10.86 -15.27
CA GLU B 207 -10.76 -10.20 -14.50
C GLU B 207 -11.15 -11.13 -13.37
N GLY B 208 -11.39 -10.58 -12.18
CA GLY B 208 -11.90 -11.41 -11.11
C GLY B 208 -11.52 -11.08 -9.70
N GLU B 209 -11.73 -12.06 -8.82
CA GLU B 209 -11.56 -11.89 -7.38
C GLU B 209 -10.17 -12.25 -6.91
N GLY B 210 -9.61 -11.41 -6.05
CA GLY B 210 -8.29 -11.65 -5.50
C GLY B 210 -7.21 -11.41 -6.53
N ILE B 211 -7.57 -10.74 -7.62
CA ILE B 211 -6.59 -10.39 -8.65
C ILE B 211 -6.26 -8.91 -8.56
N ARG B 212 -4.96 -8.61 -8.49
CA ARG B 212 -4.49 -7.23 -8.43
C ARG B 212 -3.21 -7.09 -9.25
N TRP B 213 -2.97 -5.87 -9.74
CA TRP B 213 -1.72 -5.57 -10.43
C TRP B 213 -1.33 -4.12 -10.20
N GLY B 214 -0.04 -3.83 -10.34
CA GLY B 214 0.48 -2.48 -10.23
C GLY B 214 1.75 -2.39 -11.04
N SER B 215 2.12 -1.20 -11.48
CA SER B 215 3.35 -1.05 -12.25
C SER B 215 3.77 0.42 -12.35
N LYS B 216 5.04 0.63 -12.65
CA LYS B 216 5.49 1.95 -13.07
C LYS B 216 5.97 1.86 -14.51
N THR B 217 5.27 2.55 -15.40
CA THR B 217 5.65 2.66 -16.79
C THR B 217 6.86 3.59 -16.92
N GLY B 218 7.54 3.50 -18.05
CA GLY B 218 8.56 4.47 -18.42
C GLY B 218 8.47 4.72 -19.92
N SER B 219 8.42 5.99 -20.33
CA SER B 219 8.27 6.33 -21.76
C SER B 219 9.12 7.53 -22.18
N LEU B 220 9.84 7.35 -23.28
CA LEU B 220 10.56 8.42 -23.94
C LEU B 220 10.49 8.06 -25.41
N THR B 221 10.75 9.02 -26.29
CA THR B 221 10.84 8.65 -27.70
C THR B 221 11.94 7.59 -27.84
N GLY B 222 11.57 6.44 -28.40
CA GLY B 222 12.48 5.32 -28.60
C GLY B 222 12.63 4.41 -27.38
N VAL B 223 11.81 4.63 -26.36
CA VAL B 223 11.92 3.90 -25.11
C VAL B 223 10.54 3.62 -24.50
N VAL B 224 10.23 2.33 -24.30
CA VAL B 224 8.94 1.94 -23.70
C VAL B 224 9.18 0.82 -22.69
N ASN B 225 8.94 1.13 -21.41
CA ASN B 225 9.21 0.21 -20.30
C ASN B 225 7.99 0.04 -19.41
N ASP B 226 7.96 -1.07 -18.65
CA ASP B 226 6.97 -1.24 -17.58
C ASP B 226 7.53 -2.19 -16.53
N VAL B 227 7.36 -1.84 -15.26
CA VAL B 227 7.94 -2.62 -14.17
C VAL B 227 6.88 -2.77 -13.10
N GLY B 228 6.52 -4.01 -12.79
CA GLY B 228 5.44 -4.20 -11.86
C GLY B 228 5.19 -5.63 -11.48
N PHE B 229 3.96 -5.91 -11.06
CA PHE B 229 3.63 -7.22 -10.52
C PHE B 229 2.17 -7.52 -10.81
N ILE B 230 1.84 -8.80 -10.86
CA ILE B 230 0.47 -9.25 -11.03
C ILE B 230 0.23 -10.32 -10.00
N THR B 231 -0.82 -10.14 -9.20
CA THR B 231 -1.16 -11.10 -8.15
C THR B 231 -2.52 -11.75 -8.40
N THR B 232 -2.55 -13.09 -8.34
CA THR B 232 -3.81 -13.81 -8.34
C THR B 232 -3.80 -14.71 -7.11
N PRO B 233 -4.93 -15.37 -6.82
CA PRO B 233 -4.94 -16.29 -5.69
C PRO B 233 -3.91 -17.41 -5.88
N ALA B 234 -3.47 -17.60 -7.12
CA ALA B 234 -2.50 -18.65 -7.45
C ALA B 234 -1.07 -18.20 -7.22
N GLY B 235 -0.85 -16.90 -7.01
CA GLY B 235 0.47 -16.40 -6.73
C GLY B 235 0.79 -15.08 -7.40
N THR B 236 2.03 -14.64 -7.28
CA THR B 236 2.42 -13.33 -7.81
C THR B 236 3.54 -13.42 -8.82
N LEU B 237 3.33 -12.73 -9.94
CA LEU B 237 4.30 -12.64 -11.02
C LEU B 237 4.98 -11.26 -11.02
N VAL B 238 6.31 -11.27 -11.00
CA VAL B 238 7.07 -10.03 -11.08
C VAL B 238 7.54 -9.82 -12.52
N VAL B 239 7.30 -8.63 -13.05
CA VAL B 239 7.66 -8.34 -14.44
C VAL B 239 8.42 -7.04 -14.56
N ALA B 240 9.61 -7.13 -15.14
CA ALA B 240 10.42 -5.94 -15.42
C ALA B 240 10.83 -5.98 -16.88
N VAL B 241 10.17 -5.17 -17.71
CA VAL B 241 10.45 -5.21 -19.15
C VAL B 241 10.87 -3.85 -19.68
N PHE B 242 11.99 -3.83 -20.39
CA PHE B 242 12.52 -2.61 -20.99
C PHE B 242 12.61 -2.80 -22.52
N THR B 243 12.16 -1.81 -23.28
CA THR B 243 12.31 -1.90 -24.72
C THR B 243 12.97 -0.65 -25.26
N GLU B 244 13.73 -0.83 -26.31
CA GLU B 244 14.54 0.24 -26.84
C GLU B 244 14.49 0.19 -28.35
N ASN B 245 14.14 1.30 -28.96
CA ASN B 245 14.12 1.41 -30.42
C ASN B 245 13.18 0.43 -31.11
N LEU B 246 12.04 0.15 -30.48
CA LEU B 246 10.98 -0.52 -31.23
C LEU B 246 10.37 0.56 -32.15
N PRO B 247 9.61 0.12 -33.17
CA PRO B 247 9.24 1.09 -34.21
C PRO B 247 8.44 2.31 -33.72
N ASP B 248 7.63 2.16 -32.67
CA ASP B 248 6.81 3.26 -32.18
C ASP B 248 6.18 2.94 -30.83
N LEU B 249 5.43 3.89 -30.27
CA LEU B 249 4.75 3.71 -29.00
C LEU B 249 3.88 2.45 -29.02
N HIS B 250 3.05 2.32 -30.05
CA HIS B 250 2.14 1.19 -30.15
C HIS B 250 2.87 -0.15 -30.13
N ALA B 251 3.98 -0.22 -30.85
CA ALA B 251 4.76 -1.46 -30.92
C ALA B 251 5.33 -1.82 -29.55
N GLY B 252 5.86 -0.83 -28.84
CA GLY B 252 6.45 -1.07 -27.53
C GLY B 252 5.42 -1.53 -26.51
N GLU B 253 4.27 -0.87 -26.50
CA GLU B 253 3.23 -1.26 -25.55
C GLU B 253 2.73 -2.67 -25.88
N GLN B 254 2.56 -2.95 -27.16
CA GLN B 254 2.12 -4.27 -27.60
C GLN B 254 3.14 -5.37 -27.22
N ALA B 255 4.42 -5.05 -27.36
CA ALA B 255 5.48 -6.00 -27.01
C ALA B 255 5.42 -6.40 -25.53
N ILE B 256 5.35 -5.41 -24.65
CA ILE B 256 5.29 -5.68 -23.22
C ILE B 256 4.04 -6.49 -22.85
N GLY B 257 2.92 -6.14 -23.48
CA GLY B 257 1.67 -6.85 -23.25
C GLY B 257 1.80 -8.30 -23.63
N ASP B 258 2.34 -8.56 -24.83
CA ASP B 258 2.51 -9.93 -25.31
C ASP B 258 3.43 -10.77 -24.43
N ILE B 259 4.54 -10.16 -24.00
CA ILE B 259 5.51 -10.84 -23.15
C ILE B 259 4.91 -11.16 -21.80
N THR B 260 4.24 -10.18 -21.20
CA THR B 260 3.50 -10.41 -19.96
C THR B 260 2.44 -11.51 -20.13
N ARG B 261 1.64 -11.43 -21.19
CA ARG B 261 0.65 -12.48 -21.40
C ARG B 261 1.28 -13.89 -21.45
N ALA B 262 2.33 -14.05 -22.23
CA ALA B 262 2.97 -15.36 -22.36
C ALA B 262 3.50 -15.86 -21.01
N ALA B 263 4.04 -14.95 -20.21
CA ALA B 263 4.55 -15.31 -18.89
C ALA B 263 3.41 -15.71 -17.95
N LEU B 264 2.28 -15.03 -18.07
CA LEU B 264 1.10 -15.39 -17.30
C LEU B 264 0.65 -16.81 -17.63
N GLN B 265 0.66 -17.14 -18.91
CA GLN B 265 0.25 -18.46 -19.36
C GLN B 265 1.26 -19.53 -18.95
N ALA B 266 2.55 -19.23 -19.07
CA ALA B 266 3.59 -20.20 -18.72
C ALA B 266 3.58 -20.59 -17.24
N THR B 267 3.26 -19.64 -16.37
N THR B 267 3.24 -19.62 -16.39
CA THR B 267 3.22 -19.94 -14.94
CA THR B 267 3.20 -19.82 -14.95
C THR B 267 1.81 -20.30 -14.50
C THR B 267 1.81 -20.30 -14.50
N GLY B 268 0.91 -20.45 -15.46
CA GLY B 268 -0.43 -20.91 -15.19
C GLY B 268 -1.31 -19.94 -14.42
N LEU B 269 -0.96 -18.66 -14.41
CA LEU B 269 -1.80 -17.65 -13.77
C LEU B 269 -3.01 -17.25 -14.61
N ILE B 270 -2.95 -17.53 -15.90
CA ILE B 270 -4.14 -17.52 -16.75
C ILE B 270 -4.08 -18.73 -17.67
N PRO B 271 -5.21 -19.09 -18.31
CA PRO B 271 -5.27 -20.27 -19.18
C PRO B 271 -4.49 -20.08 -20.48
N PRO B 272 -4.19 -21.18 -21.19
CA PRO B 272 -3.39 -21.14 -22.42
C PRO B 272 -4.25 -21.04 -23.67
N ILE C 9 -5.18 6.35 36.60
CA ILE C 9 -5.43 5.19 35.74
C ILE C 9 -4.16 4.62 35.15
N ASP C 10 -3.98 3.32 35.33
CA ASP C 10 -2.83 2.61 34.78
C ASP C 10 -3.28 1.95 33.49
N TRP C 11 -2.79 2.46 32.36
CA TRP C 11 -3.17 1.94 31.07
C TRP C 11 -2.28 0.81 30.57
N SER C 12 -1.39 0.31 31.43
CA SER C 12 -0.41 -0.68 30.98
C SER C 12 -1.05 -1.96 30.41
N GLY C 13 -2.12 -2.45 31.05
CA GLY C 13 -2.80 -3.65 30.57
C GLY C 13 -3.41 -3.42 29.19
N VAL C 14 -3.96 -2.22 28.98
CA VAL C 14 -4.51 -1.87 27.67
C VAL C 14 -3.38 -1.80 26.66
N ALA C 15 -2.27 -1.15 27.02
CA ALA C 15 -1.11 -1.12 26.13
C ALA C 15 -0.63 -2.55 25.79
N ALA C 16 -0.59 -3.43 26.79
CA ALA C 16 -0.21 -4.83 26.55
C ALA C 16 -1.16 -5.56 25.59
N ALA C 17 -2.46 -5.32 25.73
CA ALA C 17 -3.45 -5.98 24.85
C ALA C 17 -3.27 -5.49 23.42
N VAL C 18 -2.98 -4.20 23.29
CA VAL C 18 -2.72 -3.61 21.97
C VAL C 18 -1.46 -4.23 21.35
N ALA C 19 -0.38 -4.30 22.13
CA ALA C 19 0.86 -4.91 21.66
C ALA C 19 0.67 -6.39 21.22
N ALA C 20 -0.11 -7.13 21.98
CA ALA C 20 -0.35 -8.53 21.64
C ALA C 20 -1.11 -8.60 20.31
N ALA C 21 -2.06 -7.68 20.14
CA ALA C 21 -2.86 -7.67 18.92
C ALA C 21 -2.03 -7.33 17.68
N GLU C 22 -1.02 -6.47 17.86
CA GLU C 22 -0.16 -6.10 16.74
C GLU C 22 1.02 -7.06 16.50
N ALA C 23 1.25 -8.02 17.40
CA ALA C 23 2.50 -8.78 17.36
C ALA C 23 2.71 -9.56 16.06
N THR C 24 1.64 -10.09 15.48
CA THR C 24 1.78 -10.85 14.24
C THR C 24 2.04 -9.97 13.01
N GLY C 25 1.94 -8.65 13.17
CA GLY C 25 2.30 -7.76 12.08
C GLY C 25 1.22 -6.75 11.67
N GLY C 26 0.02 -6.89 12.22
CA GLY C 26 -1.03 -5.93 11.92
C GLY C 26 -0.87 -4.62 12.67
N THR C 27 -1.85 -3.73 12.49
CA THR C 27 -1.81 -2.41 13.11
C THR C 27 -3.12 -2.17 13.81
N VAL C 28 -3.05 -1.66 15.03
CA VAL C 28 -4.25 -1.35 15.79
C VAL C 28 -4.32 0.14 16.01
N GLY C 29 -5.52 0.70 15.93
CA GLY C 29 -5.75 2.08 16.32
C GLY C 29 -6.82 2.08 17.39
N ALA C 30 -6.55 2.73 18.51
CA ALA C 30 -7.52 2.75 19.60
C ALA C 30 -7.55 4.09 20.31
N THR C 31 -8.76 4.60 20.51
CA THR C 31 -8.99 5.75 21.37
C THR C 31 -10.05 5.34 22.38
N ILE C 32 -9.69 5.45 23.65
CA ILE C 32 -10.55 4.96 24.70
C ILE C 32 -10.71 6.03 25.75
N VAL C 33 -11.96 6.36 26.08
CA VAL C 33 -12.21 7.43 27.05
C VAL C 33 -12.84 6.89 28.33
N ALA C 34 -12.15 7.11 29.44
CA ALA C 34 -12.64 6.69 30.76
C ALA C 34 -13.78 7.59 31.22
N PRO C 35 -14.57 7.12 32.21
CA PRO C 35 -15.64 7.96 32.75
C PRO C 35 -15.21 9.39 33.11
N GLY C 36 -14.00 9.58 33.59
CA GLY C 36 -13.55 10.94 33.91
C GLY C 36 -13.19 11.81 32.71
N GLY C 37 -12.96 11.18 31.56
CA GLY C 37 -12.51 11.91 30.39
C GLY C 37 -11.04 11.67 30.07
N GLU C 38 -10.32 11.01 30.98
CA GLU C 38 -8.93 10.63 30.69
C GLU C 38 -8.92 9.68 29.51
N THR C 39 -8.04 9.92 28.54
CA THR C 39 -8.10 9.22 27.27
C THR C 39 -6.83 8.47 26.91
N PHE C 40 -6.99 7.19 26.58
CA PHE C 40 -5.91 6.38 26.04
C PHE C 40 -5.94 6.49 24.51
N ARG C 41 -4.77 6.73 23.91
CA ARG C 41 -4.64 6.84 22.45
C ARG C 41 -3.46 6.01 21.97
N HIS C 42 -3.69 5.18 20.95
CA HIS C 42 -2.62 4.47 20.24
C HIS C 42 -2.96 4.60 18.75
N ASN C 43 -2.12 5.30 17.99
CA ASN C 43 -2.43 5.58 16.58
C ASN C 43 -3.78 6.26 16.45
N GLY C 44 -4.11 7.13 17.41
CA GLY C 44 -5.42 7.76 17.46
C GLY C 44 -5.73 8.58 16.24
N ASP C 45 -4.70 9.15 15.62
CA ASP C 45 -4.89 10.04 14.49
C ASP C 45 -4.41 9.41 13.19
N ARG C 46 -4.21 8.09 13.20
CA ARG C 46 -3.78 7.40 12.00
C ARG C 46 -5.01 7.02 11.20
N ARG C 47 -4.93 7.11 9.88
CA ARG C 47 -6.05 6.73 9.02
C ARG C 47 -6.20 5.22 8.87
N PHE C 48 -7.45 4.76 8.99
CA PHE C 48 -7.84 3.37 8.77
C PHE C 48 -9.00 3.35 7.80
N ARG C 49 -9.22 2.23 7.11
CA ARG C 49 -10.47 2.07 6.35
C ARG C 49 -11.65 2.03 7.33
N ALA C 50 -12.61 2.92 7.12
CA ALA C 50 -13.76 3.03 8.00
C ALA C 50 -14.60 1.77 7.97
N ALA C 51 -14.65 1.11 6.81
CA ALA C 51 -15.64 0.04 6.58
C ALA C 51 -17.03 0.56 7.00
N SER C 52 -17.78 -0.28 7.70
CA SER C 52 -19.14 0.05 8.09
C SER C 52 -19.31 1.06 9.22
N THR C 53 -18.22 1.48 9.88
CA THR C 53 -18.34 2.46 10.96
C THR C 53 -18.90 3.81 10.50
N VAL C 54 -18.72 4.11 9.22
CA VAL C 54 -19.17 5.39 8.67
C VAL C 54 -20.70 5.49 8.70
N LYS C 55 -21.35 4.38 8.97
CA LYS C 55 -22.80 4.40 9.12
C LYS C 55 -23.25 5.18 10.36
N ILE C 56 -22.34 5.42 11.30
CA ILE C 56 -22.65 6.32 12.40
C ILE C 56 -22.95 7.78 11.98
N PRO C 57 -22.01 8.45 11.29
CA PRO C 57 -22.38 9.82 10.90
C PRO C 57 -23.55 9.86 9.90
N LEU C 58 -23.73 8.77 9.15
CA LEU C 58 -24.91 8.66 8.29
C LEU C 58 -26.18 8.70 9.12
N MSE C 59 -26.24 7.86 10.15
CA MSE C 59 -27.39 7.86 11.04
C MSE C 59 -27.67 9.27 11.57
O MSE C 59 -28.81 9.75 11.58
CB MSE C 59 -27.19 6.89 12.21
CG MSE C 59 -28.25 7.02 13.29
SE MSE C 59 -27.99 5.68 14.71
CE MSE C 59 -26.21 6.21 15.29
N ILE C 60 -26.62 9.93 12.02
CA ILE C 60 -26.78 11.27 12.56
C ILE C 60 -27.38 12.24 11.53
N ALA C 61 -26.94 12.13 10.28
CA ALA C 61 -27.49 12.98 9.22
C ALA C 61 -28.99 12.74 9.10
N VAL C 62 -29.38 11.47 9.18
CA VAL C 62 -30.79 11.14 9.08
C VAL C 62 -31.60 11.79 10.18
N TYR C 63 -31.13 11.69 11.41
CA TYR C 63 -31.89 12.23 12.55
C TYR C 63 -31.90 13.75 12.56
N ARG C 64 -30.84 14.36 12.03
CA ARG C 64 -30.83 15.80 11.90
C ARG C 64 -31.91 16.23 10.91
N ALA C 65 -32.05 15.47 9.84
CA ALA C 65 -33.10 15.76 8.86
C ALA C 65 -34.47 15.64 9.51
N VAL C 66 -34.60 14.69 10.44
CA VAL C 66 -35.85 14.53 11.18
C VAL C 66 -36.05 15.71 12.13
N ASP C 67 -35.04 16.02 12.93
CA ASP C 67 -35.08 17.20 13.78
C ASP C 67 -35.56 18.45 13.04
N ALA C 68 -35.14 18.58 11.80
CA ALA C 68 -35.42 19.78 11.01
C ALA C 68 -36.81 19.74 10.37
N GLY C 69 -37.51 18.62 10.51
CA GLY C 69 -38.81 18.46 9.88
C GLY C 69 -38.73 18.25 8.37
N GLU C 70 -37.54 17.92 7.87
CA GLU C 70 -37.39 17.60 6.45
C GLU C 70 -37.91 16.20 6.14
N ARG C 71 -37.76 15.31 7.11
CA ARG C 71 -38.19 13.93 6.95
C ARG C 71 -38.84 13.44 8.23
N ALA C 72 -39.60 12.36 8.10
CA ALA C 72 -40.24 11.73 9.25
C ALA C 72 -39.83 10.25 9.27
N LEU C 73 -39.75 9.69 10.47
CA LEU C 73 -39.34 8.30 10.64
C LEU C 73 -40.36 7.32 10.05
N THR C 74 -41.60 7.78 9.89
CA THR C 74 -42.63 6.97 9.24
C THR C 74 -42.61 7.05 7.71
N ASP C 75 -41.77 7.92 7.15
CA ASP C 75 -41.71 8.08 5.69
C ASP C 75 -41.44 6.73 5.04
N ARG C 76 -42.16 6.45 3.96
CA ARG C 76 -42.05 5.14 3.33
C ARG C 76 -41.07 5.12 2.17
N ILE C 77 -40.27 4.06 2.12
CA ILE C 77 -39.35 3.80 1.01
C ILE C 77 -39.61 2.40 0.47
N VAL C 78 -39.67 2.26 -0.85
CA VAL C 78 -39.90 0.96 -1.46
C VAL C 78 -38.60 0.34 -1.99
N LEU C 79 -38.31 -0.89 -1.55
CA LEU C 79 -37.12 -1.62 -2.00
C LEU C 79 -37.22 -2.00 -3.48
N ARG C 80 -36.22 -1.58 -4.25
CA ARG C 80 -36.15 -1.89 -5.67
C ARG C 80 -34.97 -2.79 -5.99
N ALA C 81 -35.10 -3.63 -7.01
CA ALA C 81 -34.00 -4.53 -7.37
C ALA C 81 -32.72 -3.74 -7.57
N ALA C 82 -32.87 -2.55 -8.13
CA ALA C 82 -31.73 -1.70 -8.45
C ALA C 82 -30.99 -1.25 -7.20
N ASP C 83 -31.71 -1.14 -6.09
CA ASP C 83 -31.12 -0.65 -4.85
C ASP C 83 -30.28 -1.71 -4.13
N LYS C 84 -30.49 -2.97 -4.49
CA LYS C 84 -29.87 -4.06 -3.73
C LYS C 84 -28.35 -4.07 -3.86
N ALA C 85 -27.67 -4.06 -2.72
CA ALA C 85 -26.20 -4.04 -2.68
C ALA C 85 -25.64 -5.34 -2.10
N PRO C 86 -24.43 -5.72 -2.56
CA PRO C 86 -23.79 -6.93 -2.01
C PRO C 86 -23.24 -6.69 -0.61
N GLY C 87 -22.84 -7.76 0.05
CA GLY C 87 -22.30 -7.67 1.40
C GLY C 87 -23.36 -7.83 2.47
N SER C 88 -23.04 -7.36 3.68
CA SER C 88 -23.89 -7.56 4.86
C SER C 88 -25.28 -6.93 4.72
N GLY C 89 -26.28 -7.60 5.29
CA GLY C 89 -27.66 -7.14 5.26
C GLY C 89 -28.63 -8.29 4.98
N VAL C 90 -29.92 -7.99 4.98
CA VAL C 90 -30.93 -8.95 4.60
C VAL C 90 -31.76 -8.43 3.44
N LEU C 91 -31.78 -7.12 3.24
CA LEU C 91 -32.64 -6.54 2.21
C LEU C 91 -32.33 -7.13 0.85
N LEU C 92 -31.08 -7.45 0.58
CA LEU C 92 -30.70 -7.96 -0.74
C LEU C 92 -31.32 -9.31 -1.08
N HIS C 93 -31.93 -9.97 -0.10
CA HIS C 93 -32.61 -11.23 -0.40
C HIS C 93 -34.12 -11.20 -0.17
N LEU C 94 -34.65 -10.01 0.08
CA LEU C 94 -36.09 -9.87 0.30
C LEU C 94 -36.79 -9.37 -0.98
N HIS C 95 -38.08 -9.64 -1.10
CA HIS C 95 -38.77 -9.39 -2.36
C HIS C 95 -38.75 -7.93 -2.81
N ASP C 96 -38.52 -7.73 -4.11
CA ASP C 96 -38.66 -6.42 -4.72
C ASP C 96 -40.05 -5.88 -4.46
N GLY C 97 -40.12 -4.64 -4.01
CA GLY C 97 -41.40 -4.02 -3.74
C GLY C 97 -41.72 -3.99 -2.26
N LEU C 98 -40.82 -4.56 -1.47
CA LEU C 98 -40.97 -4.55 -0.03
C LEU C 98 -41.09 -3.10 0.42
N GLU C 99 -42.12 -2.78 1.18
CA GLU C 99 -42.29 -1.38 1.59
C GLU C 99 -41.78 -1.16 3.01
N LEU C 100 -40.76 -0.31 3.17
CA LEU C 100 -40.16 -0.06 4.48
C LEU C 100 -40.34 1.39 4.93
N THR C 101 -40.12 1.65 6.23
CA THR C 101 -40.09 3.02 6.70
C THR C 101 -38.66 3.51 6.86
N LEU C 102 -38.52 4.83 7.03
CA LEU C 102 -37.22 5.43 7.29
C LEU C 102 -36.56 4.80 8.52
N GLU C 103 -37.37 4.61 9.57
CA GLU C 103 -36.85 4.00 10.80
C GLU C 103 -36.39 2.56 10.58
N ASP C 104 -37.16 1.79 9.82
CA ASP C 104 -36.74 0.45 9.46
C ASP C 104 -35.35 0.50 8.86
N LEU C 105 -35.12 1.43 7.94
CA LEU C 105 -33.83 1.53 7.25
C LEU C 105 -32.69 1.83 8.22
N VAL C 106 -32.93 2.80 9.11
CA VAL C 106 -31.93 3.14 10.11
C VAL C 106 -31.61 1.91 10.95
N TYR C 107 -32.65 1.22 11.40
CA TYR C 107 -32.45 0.05 12.25
C TYR C 107 -31.58 -1.01 11.56
N LEU C 108 -31.87 -1.32 10.31
CA LEU C 108 -31.12 -2.38 9.60
C LEU C 108 -29.69 -1.94 9.30
N THR C 109 -29.51 -0.67 8.97
CA THR C 109 -28.18 -0.10 8.76
C THR C 109 -27.31 -0.34 9.99
N ILE C 110 -27.87 -0.05 11.16
CA ILE C 110 -27.07 -0.09 12.40
C ILE C 110 -26.98 -1.48 13.01
N SER C 111 -28.11 -2.17 13.14
CA SER C 111 -28.13 -3.46 13.85
C SER C 111 -27.30 -4.54 13.14
N ILE C 112 -27.45 -4.65 11.83
CA ILE C 112 -26.77 -5.71 11.11
C ILE C 112 -25.97 -5.19 9.92
N SER C 113 -25.79 -3.88 9.86
CA SER C 113 -24.94 -3.31 8.82
C SER C 113 -25.49 -3.57 7.43
N ASP C 114 -26.80 -3.40 7.25
CA ASP C 114 -27.42 -3.63 5.94
C ASP C 114 -26.95 -2.61 4.89
N ASN C 115 -26.25 -3.10 3.87
CA ASN C 115 -25.67 -2.21 2.87
C ASN C 115 -26.72 -1.61 1.94
N THR C 116 -27.79 -2.36 1.69
CA THR C 116 -28.86 -1.85 0.86
C THR C 116 -29.55 -0.71 1.59
N ALA C 117 -29.87 -0.94 2.87
CA ALA C 117 -30.51 0.08 3.68
C ALA C 117 -29.64 1.34 3.74
N THR C 118 -28.34 1.12 3.94
CA THR C 118 -27.37 2.20 3.98
C THR C 118 -27.36 3.04 2.69
N ASN C 119 -27.26 2.37 1.55
CA ASN C 119 -27.18 3.09 0.28
C ASN C 119 -28.47 3.84 -0.04
N LEU C 120 -29.60 3.31 0.41
CA LEU C 120 -30.88 3.99 0.32
C LEU C 120 -30.85 5.28 1.14
N LEU C 121 -30.29 5.22 2.34
CA LEU C 121 -30.21 6.40 3.20
C LEU C 121 -29.22 7.43 2.67
N ILE C 122 -28.14 6.94 2.09
CA ILE C 122 -27.17 7.84 1.48
C ILE C 122 -27.83 8.63 0.34
N ASP C 123 -28.63 7.93 -0.45
CA ASP C 123 -29.32 8.60 -1.55
C ASP C 123 -30.34 9.60 -1.03
N LEU C 124 -30.93 9.28 0.12
CA LEU C 124 -31.95 10.14 0.70
C LEU C 124 -31.37 11.46 1.20
N VAL C 125 -30.39 11.36 2.08
CA VAL C 125 -29.85 12.55 2.73
C VAL C 125 -28.71 13.20 1.91
N GLY C 126 -28.05 12.41 1.08
CA GLY C 126 -26.97 12.90 0.24
C GLY C 126 -25.59 12.86 0.89
N LEU C 127 -24.56 12.65 0.08
CA LEU C 127 -23.18 12.60 0.58
C LEU C 127 -22.77 13.91 1.25
N ASP C 128 -23.18 15.03 0.67
CA ASP C 128 -22.87 16.34 1.24
C ASP C 128 -23.31 16.39 2.71
N ALA C 129 -24.53 15.95 2.97
CA ALA C 129 -25.12 15.96 4.31
C ALA C 129 -24.33 15.12 5.30
N VAL C 130 -23.85 13.96 4.85
CA VAL C 130 -23.13 13.12 5.78
C VAL C 130 -21.79 13.76 6.10
N ASN C 131 -21.10 14.27 5.08
CA ASN C 131 -19.83 14.93 5.33
C ASN C 131 -19.98 16.24 6.12
N ASP C 132 -21.13 16.89 5.99
CA ASP C 132 -21.43 18.06 6.82
C ASP C 132 -21.51 17.64 8.30
N VAL C 133 -22.13 16.51 8.59
CA VAL C 133 -22.19 16.03 9.96
C VAL C 133 -20.77 15.76 10.49
N ILE C 134 -19.97 15.07 9.69
CA ILE C 134 -18.60 14.73 10.05
C ILE C 134 -17.81 15.99 10.38
N ALA C 135 -17.95 17.00 9.53
CA ALA C 135 -17.25 18.26 9.78
C ALA C 135 -17.79 18.92 11.08
N SER C 136 -19.11 18.97 11.22
CA SER C 136 -19.72 19.60 12.39
C SER C 136 -19.29 18.95 13.71
N LEU C 137 -18.82 17.71 13.64
CA LEU C 137 -18.36 17.01 14.85
C LEU C 137 -16.86 17.18 15.06
N GLY C 138 -16.21 17.89 14.15
CA GLY C 138 -14.77 18.09 14.24
C GLY C 138 -13.95 16.89 13.82
N MSE C 139 -14.56 15.99 13.06
CA MSE C 139 -13.87 14.78 12.56
C MSE C 139 -13.09 15.08 11.28
O MSE C 139 -13.48 14.65 10.19
CB MSE C 139 -14.90 13.68 12.31
CG MSE C 139 -15.67 13.28 13.57
SE MSE C 139 -17.24 12.19 13.19
CE MSE C 139 -16.33 10.61 12.51
N ARG C 140 -11.98 15.80 11.44
CA ARG C 140 -11.25 16.34 10.29
C ARG C 140 -10.60 15.29 9.39
N ASP C 141 -10.41 14.09 9.93
CA ASP C 141 -9.70 13.07 9.18
C ASP C 141 -10.57 11.93 8.67
N SER C 142 -11.88 12.13 8.67
CA SER C 142 -12.80 11.07 8.27
C SER C 142 -13.67 11.56 7.13
N ASN C 143 -14.26 10.64 6.36
CA ASN C 143 -15.03 11.08 5.21
C ASN C 143 -15.98 10.01 4.75
N LEU C 144 -16.95 10.41 3.92
CA LEU C 144 -17.75 9.45 3.19
C LEU C 144 -17.71 9.85 1.73
N SER C 145 -17.00 9.07 0.93
CA SER C 145 -16.84 9.38 -0.47
C SER C 145 -17.51 8.35 -1.37
N ARG C 146 -17.83 7.17 -0.82
CA ARG C 146 -18.41 6.12 -1.66
C ARG C 146 -19.48 5.28 -0.93
N LYS C 147 -20.45 4.80 -1.69
CA LYS C 147 -21.49 3.91 -1.18
C LYS C 147 -20.90 2.57 -0.76
N MSE C 148 -21.66 1.81 0.03
CA MSE C 148 -21.24 0.48 0.45
C MSE C 148 -21.23 -0.51 -0.72
O MSE C 148 -22.22 -0.64 -1.45
CB MSE C 148 -22.18 -0.06 1.55
CG MSE C 148 -22.34 0.87 2.76
SE MSE C 148 -20.65 1.21 3.69
CE MSE C 148 -20.28 2.96 2.98
N LYS C 149 -20.10 -1.19 -0.90
CA LYS C 149 -19.91 -2.12 -2.00
C LYS C 149 -19.73 -3.54 -1.47
N GLY C 150 -19.56 -3.67 -0.16
CA GLY C 150 -19.17 -4.93 0.43
C GLY C 150 -17.77 -5.33 -0.05
N ARG C 151 -16.81 -4.44 0.15
CA ARG C 151 -15.41 -4.64 -0.28
C ARG C 151 -14.59 -3.36 -0.14
N PRO C 152 -13.25 -3.49 -0.07
CA PRO C 152 -12.44 -2.27 -0.10
C PRO C 152 -12.54 -1.59 -1.47
N ALA C 153 -12.30 -0.28 -1.49
CA ALA C 153 -12.37 0.47 -2.73
C ALA C 153 -11.47 -0.13 -3.82
N LEU C 154 -11.94 -0.15 -5.06
CA LEU C 154 -11.08 -0.48 -6.20
C LEU C 154 -10.04 0.64 -6.36
N PRO C 155 -9.01 0.41 -7.19
CA PRO C 155 -7.98 1.44 -7.41
C PRO C 155 -8.55 2.75 -7.95
N ASP C 156 -9.61 2.69 -8.75
CA ASP C 156 -10.18 3.93 -9.31
C ASP C 156 -11.45 4.36 -8.58
N GLU C 157 -11.54 4.07 -7.29
CA GLU C 157 -12.60 4.54 -6.41
C GLU C 157 -11.97 5.23 -5.20
N PRO C 158 -12.60 6.31 -4.69
CA PRO C 158 -12.11 6.94 -3.45
C PRO C 158 -12.53 6.12 -2.25
N GLU C 159 -11.72 6.14 -1.19
CA GLU C 159 -11.96 5.30 -0.03
C GLU C 159 -12.63 6.11 1.10
N ASN C 160 -13.35 5.42 1.99
CA ASN C 160 -13.88 6.03 3.19
C ASN C 160 -12.89 5.78 4.33
N TRP C 161 -12.31 6.84 4.86
CA TRP C 161 -11.26 6.72 5.87
C TRP C 161 -11.81 7.13 7.23
N ALA C 162 -11.23 6.58 8.29
CA ALA C 162 -11.61 6.94 9.65
C ALA C 162 -10.36 7.03 10.52
N THR C 163 -10.44 7.76 11.63
CA THR C 163 -9.45 7.62 12.69
C THR C 163 -10.12 7.29 14.01
N PRO C 164 -9.42 6.57 14.89
CA PRO C 164 -10.03 6.26 16.19
C PRO C 164 -10.41 7.55 16.92
N ASP C 165 -9.55 8.57 16.87
CA ASP C 165 -9.85 9.84 17.55
C ASP C 165 -11.19 10.42 17.07
N ASP C 166 -11.36 10.46 15.76
CA ASP C 166 -12.57 11.04 15.16
C ASP C 166 -13.82 10.29 15.59
N TYR C 167 -13.74 8.96 15.61
CA TYR C 167 -14.94 8.19 15.92
C TYR C 167 -15.29 8.21 17.41
N ALA C 168 -14.28 8.36 18.26
CA ALA C 168 -14.55 8.61 19.68
C ALA C 168 -15.35 9.92 19.81
N LEU C 169 -14.99 10.92 19.02
CA LEU C 169 -15.69 12.20 19.09
C LEU C 169 -17.17 12.01 18.80
N ALA C 170 -17.48 11.19 17.80
CA ALA C 170 -18.88 10.97 17.44
C ALA C 170 -19.64 10.32 18.59
N VAL C 171 -19.07 9.28 19.18
CA VAL C 171 -19.73 8.62 20.31
C VAL C 171 -19.97 9.63 21.42
N GLN C 172 -18.98 10.49 21.67
CA GLN C 172 -19.10 11.44 22.77
C GLN C 172 -20.19 12.45 22.50
N ALA C 173 -20.33 12.88 21.24
CA ALA C 173 -21.38 13.83 20.91
C ALA C 173 -22.76 13.23 21.12
N LEU C 174 -22.91 11.95 20.79
CA LEU C 174 -24.16 11.25 21.05
C LEU C 174 -24.43 11.16 22.54
N LEU C 175 -23.42 10.75 23.29
CA LEU C 175 -23.57 10.61 24.75
C LEU C 175 -23.91 11.92 25.46
N GLU C 176 -23.42 13.04 24.94
CA GLU C 176 -23.58 14.33 25.60
C GLU C 176 -24.73 15.15 25.01
N GLY C 177 -25.50 14.51 24.13
CA GLY C 177 -26.68 15.12 23.54
C GLY C 177 -26.36 16.29 22.61
N ARG C 178 -25.19 16.25 22.00
CA ARG C 178 -24.73 17.34 21.15
C ARG C 178 -24.76 17.03 19.65
N ALA C 179 -24.90 15.76 19.30
CA ALA C 179 -24.83 15.35 17.90
C ALA C 179 -26.07 15.79 17.13
N ALA C 180 -27.18 15.91 17.86
CA ALA C 180 -28.46 16.33 17.29
C ALA C 180 -29.31 16.72 18.49
N SER C 181 -30.62 16.80 18.31
CA SER C 181 -31.49 17.08 19.47
C SER C 181 -31.29 15.99 20.52
N GLN C 182 -31.55 16.30 21.77
CA GLN C 182 -31.35 15.32 22.82
C GLN C 182 -32.24 14.10 22.57
N GLU C 183 -33.46 14.33 22.08
CA GLU C 183 -34.38 13.25 21.81
C GLU C 183 -33.84 12.33 20.72
N SER C 184 -33.25 12.92 19.68
CA SER C 184 -32.63 12.13 18.63
C SER C 184 -31.40 11.37 19.12
N CYS C 185 -30.61 12.01 19.98
CA CYS C 185 -29.40 11.38 20.52
C CYS C 185 -29.79 10.15 21.35
N THR C 186 -30.79 10.33 22.20
CA THR C 186 -31.31 9.20 22.99
C THR C 186 -31.77 8.07 22.07
N ALA C 187 -32.52 8.41 21.03
CA ALA C 187 -32.94 7.41 20.06
C ALA C 187 -31.75 6.71 19.38
N MSE C 188 -30.72 7.47 19.05
CA MSE C 188 -29.59 6.90 18.31
C MSE C 188 -28.73 5.99 19.17
O MSE C 188 -28.19 4.99 18.69
CB MSE C 188 -28.75 8.01 17.67
CG MSE C 188 -29.41 8.62 16.44
SE MSE C 188 -28.23 9.88 15.56
CE MSE C 188 -28.46 11.40 16.73
N LEU C 189 -28.57 6.33 20.45
CA LEU C 189 -27.92 5.44 21.38
C LEU C 189 -28.70 4.12 21.55
N ALA C 190 -30.04 4.22 21.57
CA ALA C 190 -30.87 3.03 21.60
C ALA C 190 -30.68 2.16 20.35
N MSE C 191 -30.43 2.81 19.21
CA MSE C 191 -30.14 2.09 17.96
C MSE C 191 -28.82 1.34 18.09
O MSE C 191 -28.75 0.16 17.73
CB MSE C 191 -30.06 3.05 16.75
CG MSE C 191 -31.42 3.45 16.19
SE MSE C 191 -32.43 1.94 15.44
CE MSE C 191 -33.99 2.93 14.82
N LEU C 192 -27.79 2.01 18.61
CA LEU C 192 -26.48 1.36 18.78
C LEU C 192 -26.56 0.16 19.73
N GLU C 193 -27.47 0.23 20.70
CA GLU C 193 -27.64 -0.87 21.66
C GLU C 193 -28.27 -2.10 21.01
N LYS C 194 -28.78 -1.94 19.79
CA LYS C 194 -29.37 -3.06 19.07
C LYS C 194 -28.35 -3.79 18.15
N GLN C 195 -27.08 -3.37 18.23
CA GLN C 195 -25.97 -4.07 17.60
C GLN C 195 -26.13 -5.57 17.79
N GLN C 196 -26.06 -6.33 16.70
CA GLN C 196 -26.32 -7.76 16.84
C GLN C 196 -25.09 -8.63 17.01
N ASN C 197 -23.92 -8.01 16.89
CA ASN C 197 -22.67 -8.77 17.05
C ASN C 197 -21.98 -8.38 18.36
N PRO C 198 -22.05 -9.28 19.36
CA PRO C 198 -21.52 -8.99 20.70
C PRO C 198 -20.08 -9.46 20.87
N ARG C 199 -19.37 -9.74 19.78
CA ARG C 199 -18.05 -10.36 19.91
C ARG C 199 -16.87 -9.38 20.00
N ARG C 200 -17.12 -8.08 19.83
CA ARG C 200 -16.00 -7.15 19.83
C ARG C 200 -16.06 -6.31 21.10
N ILE C 201 -16.53 -5.08 21.00
CA ILE C 201 -16.73 -4.29 22.21
C ILE C 201 -17.62 -5.02 23.21
N GLY C 202 -18.63 -5.73 22.72
CA GLY C 202 -19.61 -6.35 23.61
C GLY C 202 -19.12 -7.56 24.39
N ARG C 203 -18.06 -8.21 23.92
N ARG C 203 -18.02 -8.17 23.92
CA ARG C 203 -17.71 -9.51 24.48
CA ARG C 203 -17.56 -9.46 24.41
C ARG C 203 -17.64 -9.56 26.00
C ARG C 203 -17.50 -9.60 25.93
N TYR C 204 -16.94 -8.60 26.61
CA TYR C 204 -16.71 -8.70 28.05
C TYR C 204 -17.56 -7.72 28.86
N VAL C 205 -18.63 -7.23 28.26
CA VAL C 205 -19.55 -6.40 29.01
C VAL C 205 -20.24 -7.30 30.01
N PRO C 206 -20.08 -6.99 31.30
CA PRO C 206 -20.69 -7.82 32.34
C PRO C 206 -22.21 -7.75 32.27
N GLU C 207 -22.86 -8.69 32.95
CA GLU C 207 -24.31 -8.70 33.03
C GLU C 207 -24.72 -7.99 34.33
N GLY C 208 -25.87 -7.34 34.32
CA GLY C 208 -26.36 -6.71 35.53
C GLY C 208 -27.23 -5.48 35.35
N GLU C 209 -27.78 -5.03 36.47
CA GLU C 209 -28.62 -3.84 36.52
C GLU C 209 -27.87 -2.59 36.12
N GLY C 210 -28.49 -1.77 35.28
CA GLY C 210 -27.92 -0.48 34.93
C GLY C 210 -26.73 -0.57 33.99
N ILE C 211 -26.57 -1.74 33.36
CA ILE C 211 -25.50 -1.95 32.38
C ILE C 211 -26.07 -1.98 30.97
N ARG C 212 -25.53 -1.13 30.11
CA ARG C 212 -25.93 -1.07 28.70
C ARG C 212 -24.68 -0.90 27.85
N TRP C 213 -24.75 -1.36 26.60
CA TRP C 213 -23.68 -1.10 25.66
C TRP C 213 -24.25 -1.05 24.25
N GLY C 214 -23.59 -0.29 23.39
CA GLY C 214 -23.93 -0.25 21.98
C GLY C 214 -22.69 0.02 21.13
N SER C 215 -22.77 -0.32 19.85
CA SER C 215 -21.63 -0.06 18.96
C SER C 215 -22.02 -0.23 17.48
N LYS C 216 -21.15 0.27 16.61
CA LYS C 216 -21.25 -0.03 15.20
C LYS C 216 -19.95 -0.68 14.80
N THR C 217 -20.08 -1.91 14.32
CA THR C 217 -18.95 -2.69 13.86
C THR C 217 -18.56 -2.23 12.45
N GLY C 218 -17.42 -2.71 11.99
CA GLY C 218 -16.99 -2.49 10.62
C GLY C 218 -16.11 -3.66 10.21
N SER C 219 -16.39 -4.25 9.05
CA SER C 219 -15.62 -5.43 8.61
C SER C 219 -15.44 -5.43 7.10
N LEU C 220 -14.21 -5.73 6.68
CA LEU C 220 -13.84 -5.96 5.29
C LEU C 220 -12.70 -6.94 5.40
N THR C 221 -12.28 -7.53 4.29
CA THR C 221 -11.10 -8.39 4.36
C THR C 221 -9.92 -7.59 4.92
N GLY C 222 -9.27 -8.11 5.96
CA GLY C 222 -8.15 -7.40 6.56
C GLY C 222 -8.55 -6.25 7.47
N VAL C 223 -9.86 -6.02 7.62
CA VAL C 223 -10.35 -4.90 8.44
C VAL C 223 -11.39 -5.34 9.47
N VAL C 224 -11.09 -5.10 10.74
CA VAL C 224 -12.06 -5.40 11.79
C VAL C 224 -12.10 -4.23 12.77
N ASN C 225 -13.25 -3.55 12.82
CA ASN C 225 -13.38 -2.34 13.63
C ASN C 225 -14.60 -2.45 14.55
N ASP C 226 -14.62 -1.65 15.63
CA ASP C 226 -15.82 -1.50 16.46
C ASP C 226 -15.76 -0.15 17.18
N VAL C 227 -16.85 0.60 17.10
CA VAL C 227 -16.93 1.92 17.73
C VAL C 227 -18.19 1.97 18.57
N GLY C 228 -18.06 2.24 19.87
CA GLY C 228 -19.23 2.22 20.73
C GLY C 228 -18.96 2.70 22.14
N PHE C 229 -19.83 2.29 23.05
CA PHE C 229 -19.74 2.74 24.44
C PHE C 229 -20.25 1.62 25.34
N ILE C 230 -19.87 1.67 26.61
CA ILE C 230 -20.36 0.73 27.61
C ILE C 230 -20.65 1.55 28.85
N THR C 231 -21.89 1.45 29.32
CA THR C 231 -22.34 2.23 30.47
C THR C 231 -22.67 1.29 31.62
N THR C 232 -22.20 1.63 32.81
CA THR C 232 -22.57 0.92 34.03
C THR C 232 -22.93 1.97 35.08
N PRO C 233 -23.43 1.54 36.24
CA PRO C 233 -23.73 2.54 37.27
C PRO C 233 -22.52 3.41 37.63
N ALA C 234 -21.31 2.92 37.33
CA ALA C 234 -20.10 3.65 37.68
C ALA C 234 -19.63 4.63 36.59
N GLY C 235 -20.30 4.63 35.43
CA GLY C 235 -19.93 5.55 34.37
C GLY C 235 -19.88 4.91 32.99
N THR C 236 -19.53 5.71 31.99
CA THR C 236 -19.50 5.23 30.62
C THR C 236 -18.09 5.22 30.07
N LEU C 237 -17.77 4.14 29.37
CA LEU C 237 -16.50 4.03 28.68
C LEU C 237 -16.77 4.20 27.20
N VAL C 238 -15.96 5.04 26.55
CA VAL C 238 -16.05 5.21 25.10
C VAL C 238 -14.91 4.43 24.46
N VAL C 239 -15.23 3.65 23.43
CA VAL C 239 -14.25 2.76 22.81
C VAL C 239 -14.35 2.86 21.30
N ALA C 240 -13.24 3.26 20.67
CA ALA C 240 -13.14 3.30 19.22
C ALA C 240 -11.89 2.52 18.81
N VAL C 241 -12.06 1.33 18.25
CA VAL C 241 -10.92 0.51 17.89
C VAL C 241 -10.97 0.05 16.45
N PHE C 242 -9.88 0.27 15.73
CA PHE C 242 -9.76 -0.09 14.33
C PHE C 242 -8.60 -1.05 14.21
N THR C 243 -8.80 -2.16 13.51
CA THR C 243 -7.71 -3.11 13.32
C THR C 243 -7.51 -3.41 11.86
N GLU C 244 -6.25 -3.61 11.52
CA GLU C 244 -5.87 -3.69 10.13
C GLU C 244 -4.83 -4.80 10.00
N ASN C 245 -5.10 -5.75 9.12
CA ASN C 245 -4.13 -6.79 8.78
C ASN C 245 -3.77 -7.74 9.91
N LEU C 246 -4.66 -7.89 10.87
CA LEU C 246 -4.50 -8.98 11.81
C LEU C 246 -4.77 -10.26 11.02
N PRO C 247 -4.35 -11.41 11.58
CA PRO C 247 -4.38 -12.68 10.84
C PRO C 247 -5.74 -13.08 10.23
N ASP C 248 -6.84 -12.82 10.92
CA ASP C 248 -8.14 -13.19 10.37
C ASP C 248 -9.26 -12.58 11.18
N LEU C 249 -10.49 -12.91 10.80
CA LEU C 249 -11.65 -12.34 11.47
C LEU C 249 -11.60 -12.63 12.96
N HIS C 250 -11.33 -13.89 13.30
CA HIS C 250 -11.31 -14.30 14.70
C HIS C 250 -10.30 -13.48 15.51
N ALA C 251 -9.07 -13.32 14.98
CA ALA C 251 -8.04 -12.53 15.67
C ALA C 251 -8.48 -11.07 15.83
N GLY C 252 -9.12 -10.54 14.81
CA GLY C 252 -9.59 -9.17 14.87
C GLY C 252 -10.61 -8.99 15.98
N GLU C 253 -11.58 -9.88 16.05
CA GLU C 253 -12.65 -9.72 17.03
C GLU C 253 -12.11 -9.94 18.43
N GLN C 254 -11.28 -10.96 18.58
CA GLN C 254 -10.64 -11.23 19.87
C GLN C 254 -9.82 -10.03 20.35
N ALA C 255 -9.07 -9.40 19.44
CA ALA C 255 -8.25 -8.25 19.80
C ALA C 255 -9.11 -7.12 20.37
N ILE C 256 -10.22 -6.83 19.69
CA ILE C 256 -11.06 -5.73 20.13
C ILE C 256 -11.67 -6.09 21.47
N GLY C 257 -12.15 -7.32 21.58
CA GLY C 257 -12.61 -7.85 22.84
C GLY C 257 -11.60 -7.71 23.97
N ASP C 258 -10.36 -8.14 23.73
CA ASP C 258 -9.32 -8.10 24.77
C ASP C 258 -8.96 -6.67 25.20
N ILE C 259 -8.84 -5.79 24.21
CA ILE C 259 -8.49 -4.40 24.48
C ILE C 259 -9.60 -3.74 25.30
N THR C 260 -10.86 -4.00 24.91
CA THR C 260 -12.00 -3.44 25.62
C THR C 260 -12.04 -3.94 27.06
N ARG C 261 -11.81 -5.24 27.24
CA ARG C 261 -11.80 -5.81 28.57
C ARG C 261 -10.73 -5.18 29.45
N ALA C 262 -9.53 -5.02 28.91
CA ALA C 262 -8.46 -4.37 29.66
C ALA C 262 -8.87 -2.95 30.09
N ALA C 263 -9.55 -2.25 29.20
CA ALA C 263 -9.97 -0.89 29.49
C ALA C 263 -11.04 -0.84 30.57
N LEU C 264 -11.95 -1.81 30.55
CA LEU C 264 -13.00 -1.88 31.56
C LEU C 264 -12.38 -2.15 32.93
N GLN C 265 -11.35 -2.99 32.95
CA GLN C 265 -10.66 -3.31 34.20
C GLN C 265 -9.86 -2.11 34.67
N ALA C 266 -9.16 -1.46 33.75
CA ALA C 266 -8.31 -0.31 34.11
C ALA C 266 -9.13 0.85 34.69
N THR C 267 -10.35 1.04 34.20
CA THR C 267 -11.19 2.12 34.66
C THR C 267 -12.10 1.70 35.81
N GLY C 268 -12.00 0.44 36.22
CA GLY C 268 -12.72 -0.03 37.38
C GLY C 268 -14.19 -0.36 37.11
N LEU C 269 -14.57 -0.38 35.85
CA LEU C 269 -15.96 -0.68 35.47
C LEU C 269 -16.30 -2.16 35.63
N ILE C 270 -15.28 -3.01 35.61
CA ILE C 270 -15.43 -4.41 35.98
C ILE C 270 -14.27 -4.82 36.87
N PRO C 271 -14.46 -5.86 37.69
CA PRO C 271 -13.45 -6.37 38.62
C PRO C 271 -12.11 -6.70 37.94
N PRO C 272 -11.01 -6.45 38.66
CA PRO C 272 -9.62 -6.59 38.18
C PRO C 272 -9.29 -8.00 37.66
N GLY C 273 -8.18 -8.10 36.94
CA GLY C 273 -7.72 -9.37 36.40
C GLY C 273 -7.02 -10.21 37.48
N THR D 8 16.42 -15.23 -0.78
CA THR D 8 16.46 -14.16 0.21
C THR D 8 15.65 -14.54 1.45
N ILE D 9 16.15 -14.16 2.63
CA ILE D 9 15.49 -14.54 3.87
C ILE D 9 14.35 -13.61 4.25
N ASP D 10 13.20 -14.20 4.59
CA ASP D 10 12.09 -13.43 5.14
C ASP D 10 12.10 -13.56 6.66
N TRP D 11 12.45 -12.47 7.33
CA TRP D 11 12.60 -12.46 8.78
C TRP D 11 11.31 -12.08 9.50
N SER D 12 10.21 -11.88 8.77
CA SER D 12 9.00 -11.36 9.38
C SER D 12 8.48 -12.26 10.49
N GLY D 13 8.73 -13.56 10.35
CA GLY D 13 8.34 -14.54 11.36
C GLY D 13 9.16 -14.42 12.62
N VAL D 14 10.45 -14.15 12.48
CA VAL D 14 11.30 -13.85 13.63
C VAL D 14 10.88 -12.52 14.27
N ALA D 15 10.64 -11.50 13.45
CA ALA D 15 10.20 -10.20 13.96
C ALA D 15 8.92 -10.39 14.77
N ALA D 16 7.99 -11.18 14.25
CA ALA D 16 6.72 -11.43 14.94
C ALA D 16 6.90 -12.16 16.27
N ALA D 17 7.82 -13.13 16.32
CA ALA D 17 8.11 -13.83 17.56
C ALA D 17 8.69 -12.90 18.62
N VAL D 18 9.53 -11.97 18.18
CA VAL D 18 10.10 -10.98 19.08
C VAL D 18 9.01 -10.04 19.62
N ALA D 19 8.12 -9.57 18.74
CA ALA D 19 7.03 -8.69 19.14
C ALA D 19 6.12 -9.39 20.15
N ALA D 20 5.82 -10.67 19.92
CA ALA D 20 4.93 -11.38 20.83
C ALA D 20 5.59 -11.52 22.20
N ALA D 21 6.90 -11.75 22.21
CA ALA D 21 7.62 -11.88 23.47
C ALA D 21 7.65 -10.56 24.26
N GLU D 22 7.63 -9.44 23.56
CA GLU D 22 7.72 -8.14 24.22
C GLU D 22 6.36 -7.57 24.59
N ALA D 23 5.28 -8.21 24.14
CA ALA D 23 3.96 -7.59 24.23
C ALA D 23 3.52 -7.26 25.66
N THR D 24 3.90 -8.08 26.63
CA THR D 24 3.50 -7.79 28.01
C THR D 24 4.33 -6.67 28.62
N GLY D 25 5.36 -6.23 27.90
CA GLY D 25 6.09 -5.04 28.31
C GLY D 25 7.56 -5.24 28.60
N GLY D 26 8.04 -6.47 28.44
CA GLY D 26 9.45 -6.76 28.63
C GLY D 26 10.24 -6.35 27.40
N THR D 27 11.54 -6.60 27.40
CA THR D 27 12.41 -6.21 26.30
C THR D 27 13.23 -7.38 25.85
N VAL D 28 13.36 -7.56 24.54
CA VAL D 28 14.15 -8.66 24.00
C VAL D 28 15.29 -8.05 23.21
N GLY D 29 16.42 -8.75 23.19
CA GLY D 29 17.53 -8.38 22.32
C GLY D 29 17.95 -9.64 21.59
N ALA D 30 18.12 -9.56 20.27
CA ALA D 30 18.47 -10.74 19.48
C ALA D 30 19.37 -10.42 18.31
N THR D 31 20.45 -11.18 18.20
CA THR D 31 21.28 -11.13 17.00
C THR D 31 21.37 -12.54 16.51
N ILE D 32 20.92 -12.76 15.28
CA ILE D 32 20.83 -14.10 14.73
C ILE D 32 21.50 -14.10 13.37
N VAL D 33 22.45 -15.02 13.17
CA VAL D 33 23.24 -15.07 11.95
C VAL D 33 22.92 -16.32 11.14
N ALA D 34 22.29 -16.13 9.98
CA ALA D 34 21.97 -17.24 9.10
C ALA D 34 23.25 -17.86 8.54
N PRO D 35 23.16 -19.10 8.03
CA PRO D 35 24.30 -19.66 7.29
C PRO D 35 24.56 -18.75 6.10
N GLY D 36 25.81 -18.34 5.89
CA GLY D 36 26.10 -17.43 4.81
C GLY D 36 26.23 -15.97 5.22
N GLY D 37 25.83 -15.64 6.45
CA GLY D 37 26.16 -14.34 7.02
C GLY D 37 25.05 -13.33 7.25
N GLU D 38 23.96 -13.44 6.51
CA GLU D 38 22.89 -12.46 6.67
C GLU D 38 22.43 -12.47 8.13
N THR D 39 22.33 -11.29 8.73
CA THR D 39 22.13 -11.19 10.16
C THR D 39 20.85 -10.44 10.53
N PHE D 40 20.04 -11.04 11.38
CA PHE D 40 18.89 -10.35 11.95
C PHE D 40 19.32 -9.70 13.27
N ARG D 41 18.94 -8.44 13.46
CA ARG D 41 19.26 -7.73 14.71
C ARG D 41 18.04 -6.99 15.26
N HIS D 42 17.77 -7.19 16.55
CA HIS D 42 16.74 -6.42 17.25
C HIS D 42 17.34 -6.05 18.60
N ASN D 43 17.52 -4.76 18.85
CA ASN D 43 18.21 -4.30 20.06
C ASN D 43 19.61 -4.94 20.18
N GLY D 44 20.24 -5.19 19.03
CA GLY D 44 21.52 -5.88 18.99
C GLY D 44 22.65 -5.20 19.76
N ASP D 45 22.59 -3.88 19.88
CA ASP D 45 23.63 -3.12 20.57
C ASP D 45 23.16 -2.56 21.91
N ARG D 46 22.00 -3.01 22.37
CA ARG D 46 21.48 -2.58 23.66
C ARG D 46 22.11 -3.44 24.75
N ARG D 47 22.41 -2.84 25.89
CA ARG D 47 22.95 -3.62 27.00
C ARG D 47 21.88 -4.37 27.81
N PHE D 48 22.17 -5.63 28.07
CA PHE D 48 21.35 -6.50 28.92
C PHE D 48 22.27 -7.06 30.01
N ARG D 49 21.69 -7.46 31.14
CA ARG D 49 22.48 -8.21 32.13
C ARG D 49 22.90 -9.55 31.53
N ALA D 50 24.19 -9.85 31.58
CA ALA D 50 24.71 -11.06 30.97
C ALA D 50 24.24 -12.31 31.70
N ALA D 51 24.01 -12.18 33.00
CA ALA D 51 23.85 -13.36 33.85
C ALA D 51 24.98 -14.36 33.50
N SER D 52 24.64 -15.63 33.37
CA SER D 52 25.65 -16.68 33.20
C SER D 52 26.26 -16.78 31.80
N THR D 53 25.77 -15.99 30.84
CA THR D 53 26.29 -16.11 29.48
C THR D 53 27.76 -15.69 29.48
N VAL D 54 28.15 -14.90 30.48
CA VAL D 54 29.51 -14.37 30.53
C VAL D 54 30.53 -15.48 30.79
N LYS D 55 30.03 -16.66 31.11
CA LYS D 55 30.89 -17.82 31.28
C LYS D 55 31.54 -18.24 29.95
N ILE D 56 30.99 -17.76 28.84
CA ILE D 56 31.59 -18.07 27.54
C ILE D 56 33.00 -17.45 27.37
N PRO D 57 33.15 -16.11 27.49
CA PRO D 57 34.49 -15.53 27.42
C PRO D 57 35.39 -16.01 28.56
N LEU D 58 34.81 -16.34 29.71
CA LEU D 58 35.61 -16.96 30.77
C LEU D 58 36.22 -18.28 30.27
N MSE D 59 35.38 -19.14 29.69
CA MSE D 59 35.88 -20.41 29.16
C MSE D 59 36.98 -20.16 28.14
O MSE D 59 38.00 -20.87 28.11
CB MSE D 59 34.73 -21.23 28.54
CG MSE D 59 35.19 -22.55 27.91
SE MSE D 59 33.75 -23.50 27.03
CE MSE D 59 32.99 -22.05 26.01
N ILE D 60 36.79 -19.18 27.28
CA ILE D 60 37.80 -18.84 26.28
C ILE D 60 39.11 -18.44 26.96
N ALA D 61 39.02 -17.65 28.03
CA ALA D 61 40.24 -17.27 28.75
C ALA D 61 40.97 -18.49 29.30
N VAL D 62 40.23 -19.44 29.86
CA VAL D 62 40.82 -20.65 30.40
C VAL D 62 41.59 -21.39 29.30
N TYR D 63 40.95 -21.58 28.15
CA TYR D 63 41.58 -22.34 27.07
C TYR D 63 42.77 -21.62 26.46
N ARG D 64 42.73 -20.28 26.42
CA ARG D 64 43.90 -19.52 25.98
C ARG D 64 45.07 -19.74 26.93
N ALA D 65 44.79 -19.86 28.23
CA ALA D 65 45.84 -20.11 29.20
C ALA D 65 46.43 -21.50 28.96
N VAL D 66 45.55 -22.44 28.64
CA VAL D 66 45.98 -23.79 28.31
C VAL D 66 46.83 -23.76 27.04
N ASP D 67 46.35 -23.05 26.01
CA ASP D 67 47.09 -22.90 24.76
C ASP D 67 48.48 -22.33 25.02
N ALA D 68 48.58 -21.40 25.96
CA ALA D 68 49.85 -20.73 26.23
C ALA D 68 50.76 -21.51 27.17
N GLY D 69 50.31 -22.69 27.58
CA GLY D 69 51.10 -23.50 28.49
C GLY D 69 51.12 -23.00 29.93
N GLU D 70 50.26 -22.03 30.24
CA GLU D 70 50.17 -21.50 31.61
C GLU D 70 49.53 -22.50 32.58
N ARG D 71 48.67 -23.36 32.06
CA ARG D 71 48.11 -24.42 32.87
C ARG D 71 47.53 -25.54 31.99
N ALA D 72 47.04 -26.60 32.62
CA ALA D 72 46.67 -27.81 31.87
C ALA D 72 45.34 -28.31 32.37
N LEU D 73 44.58 -28.93 31.47
CA LEU D 73 43.23 -29.36 31.80
C LEU D 73 43.21 -30.43 32.90
N THR D 74 44.34 -31.11 33.10
CA THR D 74 44.46 -32.12 34.15
C THR D 74 44.90 -31.55 35.51
N ASP D 75 45.14 -30.25 35.59
CA ASP D 75 45.55 -29.64 36.86
C ASP D 75 44.51 -29.90 37.97
N ARG D 76 44.98 -30.10 39.20
CA ARG D 76 44.09 -30.45 40.30
C ARG D 76 43.71 -29.24 41.16
N ILE D 77 42.43 -29.15 41.53
CA ILE D 77 41.93 -28.09 42.40
C ILE D 77 41.09 -28.72 43.50
N VAL D 78 41.31 -28.29 44.73
CA VAL D 78 40.56 -28.84 45.87
C VAL D 78 39.43 -27.92 46.28
N LEU D 79 38.23 -28.49 46.40
CA LEU D 79 37.04 -27.74 46.79
C LEU D 79 37.09 -27.45 48.29
N ARG D 80 37.09 -26.16 48.64
CA ARG D 80 37.06 -25.72 50.04
C ARG D 80 35.72 -25.10 50.37
N ALA D 81 35.33 -25.14 51.64
CA ALA D 81 34.06 -24.58 52.08
C ALA D 81 33.94 -23.13 51.62
N ALA D 82 35.02 -22.37 51.79
CA ALA D 82 35.02 -20.95 51.45
C ALA D 82 34.78 -20.67 49.95
N ASP D 83 35.01 -21.67 49.10
CA ASP D 83 34.87 -21.49 47.64
C ASP D 83 33.41 -21.55 47.18
N LYS D 84 32.54 -22.16 47.99
CA LYS D 84 31.22 -22.50 47.51
C LYS D 84 30.36 -21.25 47.33
N ALA D 85 29.75 -21.12 46.14
CA ALA D 85 28.90 -19.98 45.80
C ALA D 85 27.42 -20.35 45.76
N PRO D 86 26.54 -19.38 46.02
CA PRO D 86 25.12 -19.72 45.94
C PRO D 86 24.64 -19.85 44.50
N GLY D 87 23.41 -20.31 44.33
CA GLY D 87 22.81 -20.39 43.01
C GLY D 87 23.07 -21.70 42.29
N SER D 88 22.93 -21.66 40.97
CA SER D 88 23.04 -22.85 40.14
C SER D 88 24.36 -23.59 40.34
N GLY D 89 24.31 -24.91 40.19
CA GLY D 89 25.49 -25.76 40.26
C GLY D 89 25.26 -26.92 41.22
N VAL D 90 26.25 -27.79 41.34
CA VAL D 90 26.20 -28.86 42.33
C VAL D 90 27.32 -28.80 43.36
N LEU D 91 28.42 -28.12 43.05
CA LEU D 91 29.58 -28.22 43.94
C LEU D 91 29.26 -27.77 45.35
N LEU D 92 28.33 -26.81 45.47
CA LEU D 92 28.04 -26.20 46.78
C LEU D 92 27.44 -27.22 47.74
N HIS D 93 26.92 -28.30 47.19
CA HIS D 93 26.30 -29.32 48.02
C HIS D 93 27.15 -30.60 48.13
N LEU D 94 28.36 -30.56 47.58
CA LEU D 94 29.26 -31.72 47.65
C LEU D 94 30.27 -31.55 48.79
N HIS D 95 30.95 -32.62 49.17
CA HIS D 95 31.74 -32.60 50.42
C HIS D 95 32.98 -31.71 50.32
N ASP D 96 33.26 -30.96 51.39
CA ASP D 96 34.50 -30.18 51.46
C ASP D 96 35.69 -31.11 51.25
N GLY D 97 36.62 -30.73 50.37
CA GLY D 97 37.82 -31.51 50.14
C GLY D 97 37.77 -32.28 48.82
N LEU D 98 36.63 -32.25 48.16
CA LEU D 98 36.47 -32.91 46.86
C LEU D 98 37.56 -32.44 45.92
N GLU D 99 38.22 -33.38 45.24
CA GLU D 99 39.30 -33.01 44.34
C GLU D 99 38.86 -33.08 42.88
N LEU D 100 38.98 -31.94 42.19
CA LEU D 100 38.51 -31.81 40.80
C LEU D 100 39.66 -31.49 39.85
N THR D 101 39.45 -31.69 38.55
CA THR D 101 40.41 -31.18 37.57
C THR D 101 39.90 -29.87 36.96
N LEU D 102 40.81 -29.14 36.31
CA LEU D 102 40.45 -27.93 35.59
C LEU D 102 39.37 -28.23 34.53
N GLU D 103 39.49 -29.37 33.86
CA GLU D 103 38.49 -29.75 32.87
C GLU D 103 37.15 -30.02 33.54
N ASP D 104 37.17 -30.67 34.70
CA ASP D 104 35.95 -30.85 35.50
C ASP D 104 35.26 -29.51 35.70
N LEU D 105 36.05 -28.50 36.05
CA LEU D 105 35.51 -27.18 36.39
C LEU D 105 34.89 -26.49 35.17
N VAL D 106 35.58 -26.58 34.03
CA VAL D 106 35.04 -26.02 32.80
C VAL D 106 33.71 -26.72 32.48
N TYR D 107 33.70 -28.04 32.55
CA TYR D 107 32.49 -28.80 32.23
C TYR D 107 31.31 -28.38 33.12
N LEU D 108 31.56 -28.24 34.41
CA LEU D 108 30.49 -27.91 35.34
C LEU D 108 30.03 -26.47 35.14
N THR D 109 30.98 -25.61 34.83
CA THR D 109 30.69 -24.21 34.54
C THR D 109 29.72 -24.11 33.36
N ILE D 110 30.02 -24.82 32.29
CA ILE D 110 29.24 -24.70 31.08
C ILE D 110 27.96 -25.54 31.08
N SER D 111 28.06 -26.80 31.47
CA SER D 111 26.92 -27.72 31.35
C SER D 111 25.73 -27.32 32.20
N ILE D 112 25.99 -26.95 33.44
CA ILE D 112 24.92 -26.66 34.39
C ILE D 112 25.10 -25.32 35.09
N SER D 113 26.02 -24.50 34.59
CA SER D 113 26.20 -23.14 35.11
C SER D 113 26.61 -23.17 36.60
N ASP D 114 27.52 -24.08 36.94
CA ASP D 114 27.98 -24.21 38.32
C ASP D 114 28.73 -22.95 38.79
N ASN D 115 28.13 -22.19 39.70
CA ASN D 115 28.71 -20.93 40.13
C ASN D 115 29.99 -21.10 40.94
N THR D 116 30.09 -22.16 41.72
CA THR D 116 31.36 -22.43 42.43
C THR D 116 32.50 -22.68 41.45
N ALA D 117 32.25 -23.55 40.48
CA ALA D 117 33.26 -23.86 39.48
C ALA D 117 33.63 -22.57 38.75
N THR D 118 32.63 -21.75 38.47
CA THR D 118 32.87 -20.49 37.78
C THR D 118 33.81 -19.59 38.56
N ASN D 119 33.52 -19.36 39.83
CA ASN D 119 34.36 -18.47 40.62
C ASN D 119 35.79 -18.99 40.80
N LEU D 120 35.94 -20.31 40.87
CA LEU D 120 37.27 -20.92 40.95
C LEU D 120 38.08 -20.61 39.69
N LEU D 121 37.43 -20.73 38.54
CA LEU D 121 38.06 -20.41 37.26
C LEU D 121 38.42 -18.92 37.17
N ILE D 122 37.53 -18.07 37.67
CA ILE D 122 37.81 -16.64 37.70
C ILE D 122 39.04 -16.35 38.56
N ASP D 123 39.17 -17.00 39.70
CA ASP D 123 40.37 -16.83 40.52
C ASP D 123 41.64 -17.27 39.77
N LEU D 124 41.55 -18.42 39.11
CA LEU D 124 42.72 -18.95 38.42
C LEU D 124 43.21 -18.03 37.32
N VAL D 125 42.28 -17.62 36.46
CA VAL D 125 42.63 -16.85 35.28
C VAL D 125 42.72 -15.35 35.56
N GLY D 126 41.84 -14.84 36.43
CA GLY D 126 41.83 -13.42 36.77
C GLY D 126 40.90 -12.64 35.86
N LEU D 127 40.27 -11.59 36.40
CA LEU D 127 39.35 -10.77 35.64
C LEU D 127 39.98 -10.11 34.41
N ASP D 128 41.20 -9.60 34.56
CA ASP D 128 41.89 -8.95 33.45
C ASP D 128 41.94 -9.86 32.22
N ALA D 129 42.21 -11.14 32.45
CA ALA D 129 42.40 -12.08 31.35
C ALA D 129 41.10 -12.29 30.59
N VAL D 130 39.99 -12.35 31.31
CA VAL D 130 38.68 -12.46 30.69
C VAL D 130 38.33 -11.20 29.91
N ASN D 131 38.57 -10.03 30.50
CA ASN D 131 38.27 -8.80 29.79
C ASN D 131 39.20 -8.58 28.59
N ASP D 132 40.40 -9.14 28.65
CA ASP D 132 41.29 -9.14 27.50
C ASP D 132 40.68 -9.96 26.36
N VAL D 133 40.09 -11.11 26.69
CA VAL D 133 39.41 -11.93 25.70
C VAL D 133 38.28 -11.13 25.06
N ILE D 134 37.47 -10.52 25.91
CA ILE D 134 36.31 -9.76 25.45
C ILE D 134 36.70 -8.66 24.46
N ALA D 135 37.77 -7.93 24.78
CA ALA D 135 38.26 -6.88 23.91
C ALA D 135 38.82 -7.44 22.59
N SER D 136 39.59 -8.53 22.69
CA SER D 136 40.25 -9.09 21.51
C SER D 136 39.22 -9.64 20.52
N LEU D 137 38.02 -9.93 21.00
CA LEU D 137 36.95 -10.44 20.12
C LEU D 137 36.08 -9.31 19.60
N GLY D 138 36.44 -8.07 19.92
CA GLY D 138 35.67 -6.92 19.47
C GLY D 138 34.33 -6.79 20.19
N MSE D 139 34.24 -7.34 21.40
CA MSE D 139 33.00 -7.23 22.18
C MSE D 139 33.02 -5.93 22.98
O MSE D 139 33.27 -5.92 24.18
CB MSE D 139 32.83 -8.45 23.08
CG MSE D 139 32.71 -9.75 22.32
SE MSE D 139 32.96 -11.31 23.42
CE MSE D 139 31.33 -11.25 24.48
N ARG D 140 32.74 -4.84 22.29
CA ARG D 140 33.03 -3.51 22.83
C ARG D 140 32.17 -3.12 24.03
N ASP D 141 30.97 -3.70 24.14
CA ASP D 141 30.03 -3.30 25.17
C ASP D 141 29.82 -4.34 26.26
N SER D 142 30.65 -5.37 26.27
CA SER D 142 30.49 -6.43 27.27
C SER D 142 31.65 -6.38 28.27
N ASN D 143 31.47 -7.01 29.42
CA ASN D 143 32.49 -7.00 30.45
C ASN D 143 32.28 -8.12 31.46
N LEU D 144 33.33 -8.47 32.17
CA LEU D 144 33.22 -9.28 33.39
C LEU D 144 33.88 -8.52 34.53
N SER D 145 33.09 -8.10 35.51
CA SER D 145 33.59 -7.26 36.57
C SER D 145 33.25 -7.83 37.92
N ARG D 146 32.39 -8.85 37.94
CA ARG D 146 31.81 -9.31 39.18
C ARG D 146 31.75 -10.84 39.17
N LYS D 147 32.13 -11.47 40.28
CA LYS D 147 32.03 -12.93 40.41
C LYS D 147 30.57 -13.35 40.52
N MSE D 148 30.32 -14.64 40.38
CA MSE D 148 28.96 -15.15 40.49
C MSE D 148 28.47 -15.02 41.94
O MSE D 148 29.17 -15.42 42.87
CB MSE D 148 28.86 -16.60 40.00
CG MSE D 148 29.25 -16.81 38.53
SE MSE D 148 28.35 -15.67 37.21
CE MSE D 148 29.76 -14.39 36.88
N LYS D 149 27.29 -14.43 42.11
CA LYS D 149 26.69 -14.29 43.44
C LYS D 149 25.27 -14.88 43.48
N GLY D 150 24.78 -15.31 42.31
CA GLY D 150 23.46 -15.92 42.20
C GLY D 150 22.32 -14.92 42.05
N ARG D 151 22.53 -13.70 42.55
CA ARG D 151 21.51 -12.65 42.48
C ARG D 151 21.90 -11.51 41.52
N PRO D 152 20.90 -10.76 41.04
CA PRO D 152 21.15 -9.64 40.10
C PRO D 152 22.21 -8.68 40.63
N ASP D 156 25.55 0.60 42.16
CA ASP D 156 26.80 1.04 42.76
C ASP D 156 27.89 -0.04 42.67
N GLU D 157 27.46 -1.30 42.74
CA GLU D 157 28.35 -2.44 42.57
C GLU D 157 28.36 -2.83 41.09
N PRO D 158 29.56 -3.13 40.54
CA PRO D 158 29.71 -3.37 39.10
C PRO D 158 28.92 -4.58 38.61
N GLU D 159 28.24 -4.42 37.47
CA GLU D 159 27.44 -5.49 36.88
C GLU D 159 28.14 -6.06 35.66
N ASN D 160 27.81 -7.29 35.29
CA ASN D 160 28.32 -7.87 34.05
C ASN D 160 27.30 -7.66 32.94
N TRP D 161 27.65 -6.83 31.96
CA TRP D 161 26.74 -6.48 30.88
C TRP D 161 27.09 -7.21 29.58
N ALA D 162 26.08 -7.41 28.74
CA ALA D 162 26.27 -8.03 27.45
C ALA D 162 25.38 -7.37 26.42
N THR D 163 25.73 -7.54 25.14
CA THR D 163 24.82 -7.20 24.06
CA THR D 163 24.83 -7.20 24.04
C THR D 163 24.71 -8.40 23.13
N PRO D 164 23.56 -8.55 22.47
CA PRO D 164 23.41 -9.69 21.55
C PRO D 164 24.48 -9.67 20.45
N ASP D 165 24.72 -8.50 19.85
CA ASP D 165 25.78 -8.36 18.84
C ASP D 165 27.10 -8.95 19.33
N ASP D 166 27.50 -8.57 20.55
CA ASP D 166 28.79 -8.97 21.08
C ASP D 166 28.84 -10.48 21.27
N TYR D 167 27.77 -11.05 21.80
CA TYR D 167 27.76 -12.48 22.04
C TYR D 167 27.64 -13.32 20.77
N ALA D 168 27.03 -12.75 19.74
CA ALA D 168 27.06 -13.39 18.43
C ALA D 168 28.50 -13.47 17.91
N LEU D 169 29.28 -12.43 18.16
CA LEU D 169 30.69 -12.41 17.75
C LEU D 169 31.47 -13.52 18.43
N ALA D 170 31.21 -13.71 19.72
CA ALA D 170 31.89 -14.75 20.47
C ALA D 170 31.65 -16.15 19.89
N VAL D 171 30.39 -16.47 19.57
CA VAL D 171 30.07 -17.79 19.04
C VAL D 171 30.70 -17.96 17.66
N GLN D 172 30.65 -16.92 16.84
CA GLN D 172 31.27 -16.95 15.52
C GLN D 172 32.76 -17.20 15.62
N ALA D 173 33.42 -16.57 16.59
CA ALA D 173 34.86 -16.75 16.78
C ALA D 173 35.18 -18.20 17.08
N LEU D 174 34.35 -18.83 17.92
CA LEU D 174 34.49 -20.26 18.21
C LEU D 174 34.26 -21.12 16.97
N LEU D 175 33.19 -20.83 16.24
CA LEU D 175 32.85 -21.60 15.05
C LEU D 175 33.95 -21.53 14.01
N GLU D 176 34.62 -20.37 13.95
CA GLU D 176 35.58 -20.11 12.89
C GLU D 176 37.02 -20.41 13.31
N GLY D 177 37.18 -20.79 14.56
CA GLY D 177 38.49 -21.14 15.08
C GLY D 177 39.39 -19.94 15.36
N ARG D 178 38.79 -18.80 15.67
CA ARG D 178 39.57 -17.60 15.98
C ARG D 178 39.57 -17.25 17.48
N ALA D 179 38.69 -17.86 18.25
CA ALA D 179 38.62 -17.60 19.68
C ALA D 179 39.92 -18.00 20.38
N ALA D 180 40.52 -19.09 19.89
CA ALA D 180 41.75 -19.64 20.45
C ALA D 180 42.35 -20.56 19.39
N SER D 181 43.12 -21.55 19.82
CA SER D 181 43.62 -22.55 18.86
C SER D 181 42.43 -23.34 18.32
N GLN D 182 42.58 -23.90 17.13
CA GLN D 182 41.51 -24.73 16.55
C GLN D 182 41.17 -25.87 17.50
N GLU D 183 42.20 -26.52 18.03
CA GLU D 183 41.98 -27.62 18.98
C GLU D 183 41.09 -27.17 20.14
N SER D 184 41.38 -26.00 20.69
CA SER D 184 40.61 -25.51 21.82
C SER D 184 39.20 -25.11 21.39
N CYS D 185 39.08 -24.44 20.24
CA CYS D 185 37.75 -24.07 19.75
C CYS D 185 36.83 -25.29 19.60
N THR D 186 37.33 -26.37 18.98
CA THR D 186 36.50 -27.55 18.82
C THR D 186 36.15 -28.18 20.18
N ALA D 187 37.08 -28.12 21.14
CA ALA D 187 36.78 -28.64 22.47
C ALA D 187 35.72 -27.78 23.14
N MSE D 188 35.79 -26.47 22.91
CA MSE D 188 34.86 -25.55 23.56
C MSE D 188 33.45 -25.71 22.99
O MSE D 188 32.46 -25.62 23.72
CB MSE D 188 35.36 -24.11 23.44
CG MSE D 188 36.43 -23.76 24.48
SE MSE D 188 36.90 -21.88 24.51
CE MSE D 188 38.13 -21.85 23.00
N LEU D 189 33.37 -25.93 21.68
CA LEU D 189 32.09 -26.18 21.04
C LEU D 189 31.44 -27.45 21.61
N ALA D 190 32.26 -28.47 21.81
CA ALA D 190 31.79 -29.72 22.42
C ALA D 190 31.27 -29.47 23.84
N MSE D 191 31.88 -28.53 24.56
CA MSE D 191 31.40 -28.15 25.90
C MSE D 191 30.01 -27.51 25.81
O MSE D 191 29.10 -27.84 26.58
CB MSE D 191 32.36 -27.19 26.59
CG MSE D 191 33.64 -27.83 27.11
SE MSE D 191 33.29 -29.10 28.57
CE MSE D 191 35.15 -29.32 29.17
N LEU D 192 29.83 -26.61 24.85
CA LEU D 192 28.52 -25.97 24.67
C LEU D 192 27.44 -26.99 24.32
N GLU D 193 27.81 -28.03 23.59
CA GLU D 193 26.86 -29.06 23.22
C GLU D 193 26.42 -29.88 24.43
N LYS D 194 27.13 -29.76 25.55
CA LYS D 194 26.73 -30.48 26.77
C LYS D 194 25.77 -29.66 27.65
N GLN D 195 25.37 -28.49 27.16
CA GLN D 195 24.31 -27.69 27.81
C GLN D 195 23.19 -28.61 28.25
N GLN D 196 22.82 -28.57 29.53
CA GLN D 196 21.77 -29.50 30.00
C GLN D 196 20.32 -28.98 29.89
N ASN D 197 20.15 -27.71 29.56
CA ASN D 197 18.80 -27.16 29.46
C ASN D 197 18.40 -26.94 27.99
N PRO D 198 17.52 -27.80 27.47
CA PRO D 198 17.17 -27.73 26.05
C PRO D 198 15.91 -26.91 25.79
N ARG D 199 15.51 -26.08 26.75
CA ARG D 199 14.21 -25.44 26.65
C ARG D 199 14.25 -24.06 26.01
N ARG D 200 15.45 -23.59 25.68
CA ARG D 200 15.56 -22.27 25.08
C ARG D 200 15.97 -22.38 23.63
N ILE D 201 17.23 -22.11 23.32
CA ILE D 201 17.69 -22.34 21.95
C ILE D 201 17.33 -23.76 21.48
N GLY D 202 17.48 -24.73 22.38
CA GLY D 202 17.30 -26.12 22.00
C GLY D 202 15.85 -26.55 21.83
N ARG D 203 14.90 -25.70 22.22
CA ARG D 203 13.53 -26.15 22.39
C ARG D 203 12.94 -26.85 21.18
N TYR D 204 13.13 -26.25 20.01
CA TYR D 204 12.58 -26.78 18.76
C TYR D 204 13.65 -27.29 17.79
N VAL D 205 14.86 -27.52 18.28
CA VAL D 205 15.87 -28.22 17.46
C VAL D 205 15.51 -29.70 17.38
N PRO D 206 15.26 -30.20 16.15
CA PRO D 206 14.84 -31.59 15.95
C PRO D 206 15.96 -32.56 16.29
N GLU D 207 15.58 -33.77 16.71
CA GLU D 207 16.55 -34.84 16.95
C GLU D 207 16.94 -35.41 15.60
N GLY D 208 18.17 -35.89 15.49
CA GLY D 208 18.61 -36.55 14.26
C GLY D 208 20.11 -36.49 14.04
N GLU D 209 20.63 -37.52 13.35
CA GLU D 209 22.02 -37.53 12.94
C GLU D 209 22.32 -36.29 12.11
N GLY D 210 23.46 -35.66 12.38
CA GLY D 210 23.88 -34.49 11.65
C GLY D 210 23.31 -33.17 12.17
N ILE D 211 22.47 -33.25 13.20
CA ILE D 211 21.88 -32.05 13.79
C ILE D 211 22.45 -31.91 15.18
N ARG D 212 23.16 -30.82 15.44
CA ARG D 212 23.73 -30.57 16.77
C ARG D 212 23.48 -29.13 17.20
N TRP D 213 23.47 -28.89 18.50
CA TRP D 213 23.36 -27.54 19.00
C TRP D 213 24.03 -27.47 20.36
N GLY D 214 24.52 -26.27 20.67
CA GLY D 214 25.12 -26.00 21.97
C GLY D 214 24.78 -24.58 22.38
N SER D 215 24.80 -24.30 23.68
CA SER D 215 24.58 -22.93 24.13
C SER D 215 25.02 -22.72 25.58
N LYS D 216 25.03 -21.47 25.98
CA LYS D 216 25.19 -21.12 27.38
C LYS D 216 24.00 -20.27 27.76
N THR D 217 23.23 -20.78 28.71
CA THR D 217 22.06 -20.09 29.20
C THR D 217 22.49 -19.03 30.19
N GLY D 218 21.55 -18.15 30.52
CA GLY D 218 21.74 -17.18 31.58
C GLY D 218 20.42 -16.85 32.25
N SER D 219 20.38 -16.96 33.58
CA SER D 219 19.14 -16.74 34.31
C SER D 219 19.35 -15.97 35.60
N LEU D 220 18.55 -14.92 35.77
CA LEU D 220 18.41 -14.22 37.04
C LEU D 220 16.96 -13.79 37.11
N THR D 221 16.55 -13.29 38.26
CA THR D 221 15.22 -12.70 38.38
C THR D 221 15.00 -11.68 37.26
N GLY D 222 13.95 -11.88 36.46
CA GLY D 222 13.62 -10.96 35.38
C GLY D 222 14.54 -11.06 34.16
N VAL D 223 15.39 -12.09 34.13
CA VAL D 223 16.39 -12.25 33.08
C VAL D 223 16.43 -13.67 32.57
N VAL D 224 16.20 -13.84 31.28
CA VAL D 224 16.30 -15.16 30.65
C VAL D 224 17.02 -15.00 29.33
N ASN D 225 18.21 -15.58 29.26
CA ASN D 225 19.10 -15.49 28.09
C ASN D 225 19.51 -16.85 27.59
N ASP D 226 19.96 -16.91 26.33
CA ASP D 226 20.61 -18.11 25.78
C ASP D 226 21.44 -17.70 24.57
N VAL D 227 22.69 -18.17 24.53
CA VAL D 227 23.63 -17.76 23.49
C VAL D 227 24.24 -19.04 22.94
N GLY D 228 24.16 -19.26 21.64
CA GLY D 228 24.63 -20.53 21.12
C GLY D 228 24.52 -20.68 19.62
N PHE D 229 24.50 -21.93 19.15
CA PHE D 229 24.48 -22.23 17.72
C PHE D 229 23.72 -23.51 17.47
N ILE D 230 23.17 -23.65 16.27
CA ILE D 230 22.56 -24.91 15.85
C ILE D 230 23.13 -25.26 14.50
N THR D 231 23.64 -26.48 14.38
CA THR D 231 24.23 -26.92 13.12
C THR D 231 23.45 -28.07 12.50
N THR D 232 23.15 -27.94 11.22
CA THR D 232 22.60 -29.05 10.45
C THR D 232 23.46 -29.20 9.19
N PRO D 233 23.16 -30.23 8.35
CA PRO D 233 23.96 -30.35 7.12
C PRO D 233 23.80 -29.12 6.21
N ALA D 234 22.72 -28.37 6.41
CA ALA D 234 22.45 -27.18 5.61
C ALA D 234 23.24 -25.96 6.07
N GLY D 235 23.88 -26.05 7.23
CA GLY D 235 24.71 -24.95 7.72
C GLY D 235 24.50 -24.67 9.20
N THR D 236 25.07 -23.56 9.67
CA THR D 236 25.02 -23.21 11.08
C THR D 236 24.32 -21.89 11.32
N LEU D 237 23.37 -21.91 12.26
CA LEU D 237 22.70 -20.70 12.71
C LEU D 237 23.30 -20.27 14.03
N VAL D 238 23.70 -19.01 14.12
CA VAL D 238 24.16 -18.43 15.37
C VAL D 238 23.03 -17.68 16.05
N VAL D 239 22.82 -17.92 17.34
CA VAL D 239 21.70 -17.32 18.04
C VAL D 239 22.14 -16.68 19.36
N ALA D 240 21.95 -15.37 19.48
CA ALA D 240 22.21 -14.68 20.73
C ALA D 240 20.95 -13.95 21.17
N VAL D 241 20.26 -14.49 22.18
CA VAL D 241 19.01 -13.91 22.61
C VAL D 241 18.99 -13.57 24.10
N PHE D 242 18.66 -12.31 24.43
CA PHE D 242 18.58 -11.87 25.81
C PHE D 242 17.18 -11.33 26.08
N THR D 243 16.56 -11.77 27.17
CA THR D 243 15.24 -11.24 27.50
C THR D 243 15.22 -10.67 28.91
N GLU D 244 14.51 -9.57 29.07
CA GLU D 244 14.48 -8.86 30.32
C GLU D 244 13.04 -8.47 30.66
N ASN D 245 12.60 -8.84 31.85
CA ASN D 245 11.30 -8.45 32.38
C ASN D 245 10.09 -9.07 31.66
N LEU D 246 10.30 -10.23 31.06
CA LEU D 246 9.16 -11.03 30.61
C LEU D 246 8.44 -11.52 31.88
N PRO D 247 7.19 -12.00 31.74
CA PRO D 247 6.37 -12.28 32.91
C PRO D 247 6.95 -13.30 33.90
N ASP D 248 7.69 -14.30 33.42
CA ASP D 248 8.30 -15.29 34.30
C ASP D 248 9.23 -16.20 33.53
N LEU D 249 9.91 -17.09 34.26
CA LEU D 249 10.91 -18.00 33.70
C LEU D 249 10.38 -18.72 32.47
N HIS D 250 9.17 -19.23 32.59
CA HIS D 250 8.60 -20.07 31.56
C HIS D 250 8.28 -19.29 30.29
N ALA D 251 7.79 -18.06 30.44
CA ALA D 251 7.54 -17.19 29.30
C ALA D 251 8.85 -16.83 28.58
N GLY D 252 9.88 -16.58 29.38
CA GLY D 252 11.19 -16.29 28.82
C GLY D 252 11.75 -17.44 28.01
N GLU D 253 11.65 -18.66 28.55
CA GLU D 253 12.21 -19.83 27.84
C GLU D 253 11.41 -20.09 26.56
N GLN D 254 10.08 -20.05 26.68
CA GLN D 254 9.22 -20.17 25.51
C GLN D 254 9.57 -19.13 24.44
N ALA D 255 9.82 -17.89 24.88
CA ALA D 255 10.13 -16.81 23.95
C ALA D 255 11.41 -17.11 23.15
N ILE D 256 12.45 -17.53 23.84
CA ILE D 256 13.71 -17.84 23.16
C ILE D 256 13.51 -19.00 22.19
N GLY D 257 12.79 -20.02 22.63
CA GLY D 257 12.47 -21.17 21.79
C GLY D 257 11.71 -20.78 20.53
N ASP D 258 10.70 -19.92 20.68
CA ASP D 258 9.87 -19.49 19.54
C ASP D 258 10.65 -18.63 18.56
N ILE D 259 11.46 -17.73 19.10
CA ILE D 259 12.33 -16.90 18.28
C ILE D 259 13.30 -17.79 17.49
N THR D 260 13.92 -18.75 18.17
CA THR D 260 14.89 -19.63 17.54
C THR D 260 14.22 -20.48 16.47
N ARG D 261 13.04 -21.00 16.80
CA ARG D 261 12.28 -21.82 15.86
C ARG D 261 11.95 -21.04 14.58
N ALA D 262 11.52 -19.79 14.75
CA ALA D 262 11.21 -18.94 13.62
C ALA D 262 12.46 -18.71 12.75
N ALA D 263 13.61 -18.50 13.38
CA ALA D 263 14.84 -18.32 12.63
C ALA D 263 15.24 -19.62 11.88
N LEU D 264 15.09 -20.76 12.55
CA LEU D 264 15.36 -22.03 11.88
C LEU D 264 14.48 -22.22 10.64
N GLN D 265 13.21 -21.85 10.76
CA GLN D 265 12.28 -21.99 9.63
C GLN D 265 12.60 -20.98 8.56
N ALA D 266 12.94 -19.75 8.98
CA ALA D 266 13.27 -18.71 8.02
C ALA D 266 14.50 -19.07 7.19
N THR D 267 15.47 -19.75 7.81
CA THR D 267 16.71 -20.12 7.12
C THR D 267 16.63 -21.48 6.43
N GLY D 268 15.48 -22.13 6.58
CA GLY D 268 15.28 -23.43 5.96
C GLY D 268 16.05 -24.55 6.61
N LEU D 269 16.52 -24.35 7.84
CA LEU D 269 17.20 -25.42 8.57
C LEU D 269 16.21 -26.48 9.07
N ILE D 270 14.97 -26.08 9.33
CA ILE D 270 13.91 -27.03 9.62
C ILE D 270 12.74 -26.69 8.72
N PRO D 271 11.87 -27.67 8.46
CA PRO D 271 10.72 -27.48 7.56
C PRO D 271 9.76 -26.37 7.99
N PRO D 272 9.31 -25.56 7.01
CA PRO D 272 8.27 -24.53 7.18
C PRO D 272 7.14 -25.01 8.09
N GLY D 273 6.54 -24.09 8.84
CA GLY D 273 5.45 -24.44 9.75
C GLY D 273 4.42 -23.34 9.90
S SO4 E . -11.27 8.61 -21.48
O1 SO4 E . -12.70 8.40 -21.22
O2 SO4 E . -11.08 10.03 -21.82
O3 SO4 E . -10.47 8.27 -20.30
O4 SO4 E . -10.83 7.80 -22.62
S SO4 F . -7.68 7.12 -1.70
O1 SO4 F . -8.96 7.54 -1.14
O2 SO4 F . -7.44 7.83 -2.96
O3 SO4 F . -6.58 7.44 -0.79
O4 SO4 F . -7.71 5.68 -1.96
S SO4 G . 5.29 7.24 -18.62
O1 SO4 G . 5.06 6.78 -17.25
O2 SO4 G . 4.91 6.19 -19.58
O3 SO4 G . 4.44 8.41 -18.88
O4 SO4 G . 6.70 7.58 -18.77
S SO4 H . -19.93 -5.25 9.81
O1 SO4 H . -20.84 -4.31 10.48
O2 SO4 H . -19.30 -4.58 8.65
O3 SO4 H . -18.90 -5.69 10.77
O4 SO4 H . -20.69 -6.41 9.34
C ACY I . -18.16 -1.42 2.12
O ACY I . -19.00 -2.32 2.38
OXT ACY I . -17.84 -1.08 0.96
CH3 ACY I . -17.52 -0.71 3.29
S SO4 J . 21.52 -20.53 34.13
O1 SO4 J . 22.03 -19.28 34.71
O2 SO4 J . 20.29 -20.29 33.38
O3 SO4 J . 22.52 -21.06 33.19
O4 SO4 J . 21.25 -21.48 35.20
#